data_6PKG
#
_entry.id   6PKG
#
_cell.length_a   124.356
_cell.length_b   124.356
_cell.length_c   278.792
_cell.angle_alpha   90.00
_cell.angle_beta   90.00
_cell.angle_gamma   90.00
#
_symmetry.space_group_name_H-M   'P 41 21 2'
#
loop_
_entity.id
_entity.type
_entity.pdbx_description
1 polymer 'N-acetylglucosamine-1-phosphodiester alpha-N-acetylglucosaminidase'
2 branched alpha-D-mannopyranose-(1-3)-[alpha-D-mannopyranose-(1-6)]beta-D-mannopyranose-(1-4)-2-acetamido-2-deoxy-beta-D-glucopyranose-(1-4)-[alpha-L-fucopyranose-(1-6)]2-acetamido-2-deoxy-beta-D-glucopyranose
3 non-polymer 2-acetamido-2-deoxy-beta-D-glucopyranose
4 non-polymer 'IODIDE ION'
5 non-polymer 'molecular iodine'
6 non-polymer 'HEXAETHYLENE GLYCOL'
7 water water
#
_entity_poly.entity_id   1
_entity_poly.type   'polypeptide(L)'
_entity_poly.pdbx_seq_one_letter_code
;DRHHHHHHKLKDIRHSSDDDLLLPYTKSHGPSHSHRYVRDCQPVAHGTVTHETQAASKHSNSPVLESNIFISDITDDSGT
HRWVSGHITEVHDPLRSVSVLEPGGPGGCAHNHRELVEVTAKTRKCLVAQNGGYFDTHTGQCLGNIISDGKLVRNSGGIQ
NAQFGIRKDGTLVFGYLSEDDILDQENPFVQLISGVVWLLRKGEIYINESIQAECDKTQETGNFRHFVDVISARTAVGHD
KEGKLILFHVDGQTDVRGMNLWQVAKFLKDQNVMNAINLDGGGSATYVLNGSLASYPSDHCNPSKWRCPRAISTVLCIHE
R
;
_entity_poly.pdbx_strand_id   A,B
#
loop_
_chem_comp.id
_chem_comp.type
_chem_comp.name
_chem_comp.formula
BMA D-saccharide, beta linking beta-D-mannopyranose 'C6 H12 O6'
FUC L-saccharide, alpha linking alpha-L-fucopyranose 'C6 H12 O5'
I2I non-polymer 'molecular iodine' I2
IOD non-polymer 'IODIDE ION' 'I -1'
MAN D-saccharide, alpha linking alpha-D-mannopyranose 'C6 H12 O6'
NAG D-saccharide, beta linking 2-acetamido-2-deoxy-beta-D-glucopyranose 'C8 H15 N O6'
P6G non-polymer 'HEXAETHYLENE GLYCOL' 'C12 H26 O7'
#
# COMPACT_ATOMS: atom_id res chain seq x y z
N HIS A 15 6.78 18.16 6.73
CA HIS A 15 7.01 16.83 6.18
C HIS A 15 6.37 16.75 4.80
N SER A 16 5.04 16.79 4.79
CA SER A 16 4.26 16.84 3.57
C SER A 16 3.79 18.27 3.32
N SER A 17 3.29 18.50 2.10
CA SER A 17 2.78 19.82 1.75
C SER A 17 1.42 20.12 2.37
N ASP A 18 0.73 19.11 2.92
CA ASP A 18 -0.57 19.30 3.55
C ASP A 18 -1.60 19.84 2.55
N ASP A 19 -1.51 19.40 1.30
CA ASP A 19 -2.31 19.98 0.23
C ASP A 19 -3.61 19.24 -0.05
N ASP A 20 -3.84 18.08 0.57
CA ASP A 20 -5.13 17.38 0.48
C ASP A 20 -5.88 17.55 1.79
N LEU A 21 -6.41 18.75 2.01
CA LEU A 21 -7.11 19.08 3.23
C LEU A 21 -8.59 18.72 3.10
N LEU A 22 -9.11 18.01 4.09
CA LEU A 22 -10.52 17.61 4.17
C LEU A 22 -11.05 18.12 5.51
N LEU A 23 -11.53 19.36 5.52
CA LEU A 23 -11.91 20.05 6.75
C LEU A 23 -13.42 20.12 6.88
N PRO A 24 -14.02 19.58 7.96
CA PRO A 24 -15.47 19.72 8.11
C PRO A 24 -15.92 21.07 8.63
N TYR A 25 -15.07 21.82 9.33
CA TYR A 25 -15.46 23.09 9.94
C TYR A 25 -14.54 24.20 9.44
N THR A 26 -15.13 25.34 9.07
CA THR A 26 -14.35 26.46 8.59
C THR A 26 -13.70 27.22 9.74
N LYS A 27 -14.37 27.30 10.90
CA LYS A 27 -13.85 27.99 12.06
C LYS A 27 -14.01 27.09 13.28
N SER A 28 -13.16 27.35 14.28
CA SER A 28 -13.15 26.55 15.51
C SER A 28 -13.25 25.06 15.19
N HIS A 29 -14.04 24.32 15.97
CA HIS A 29 -14.21 22.90 15.74
C HIS A 29 -15.45 22.42 16.50
N GLY A 30 -16.25 21.59 15.84
CA GLY A 30 -17.42 21.02 16.45
C GLY A 30 -18.56 22.01 16.51
N PRO A 31 -19.75 21.53 16.86
CA PRO A 31 -20.89 22.42 17.03
C PRO A 31 -20.85 23.12 18.39
N SER A 32 -21.75 24.08 18.55
CA SER A 32 -21.84 24.85 19.78
C SER A 32 -22.92 24.35 20.73
N HIS A 33 -23.91 23.61 20.24
CA HIS A 33 -25.03 23.23 21.07
C HIS A 33 -24.64 22.09 22.01
N SER A 34 -25.49 21.88 23.01
CA SER A 34 -25.19 21.01 24.14
C SER A 34 -25.59 19.58 23.87
N HIS A 35 -25.06 18.67 24.70
CA HIS A 35 -25.49 17.27 24.64
C HIS A 35 -26.98 17.15 24.88
N ARG A 36 -27.54 18.02 25.72
CA ARG A 36 -28.98 17.99 25.96
C ARG A 36 -29.75 18.29 24.68
N TYR A 37 -29.27 19.26 23.90
CA TYR A 37 -29.91 19.57 22.62
C TYR A 37 -29.85 18.38 21.69
N VAL A 38 -28.69 17.72 21.61
CA VAL A 38 -28.53 16.55 20.74
C VAL A 38 -29.51 15.45 21.14
N ARG A 39 -29.70 15.24 22.44
CA ARG A 39 -30.62 14.21 22.90
C ARG A 39 -32.04 14.49 22.43
N ASP A 40 -32.45 15.76 22.43
CA ASP A 40 -33.83 16.10 22.10
C ASP A 40 -34.11 15.91 20.62
N CYS A 41 -33.11 16.11 19.76
CA CYS A 41 -33.31 15.92 18.33
C CYS A 41 -33.24 14.45 17.93
N GLN A 42 -32.64 13.61 18.77
CA GLN A 42 -32.48 12.20 18.43
C GLN A 42 -33.84 11.55 18.21
N PRO A 43 -33.92 10.57 17.30
CA PRO A 43 -35.22 9.93 17.05
C PRO A 43 -35.69 9.08 18.21
N VAL A 44 -37.02 8.99 18.35
CA VAL A 44 -37.61 8.24 19.44
C VAL A 44 -37.20 6.78 19.39
N ALA A 45 -36.86 6.28 18.19
CA ALA A 45 -36.49 4.87 18.06
C ALA A 45 -35.31 4.50 18.95
N HIS A 46 -34.52 5.48 19.38
CA HIS A 46 -33.33 5.23 20.19
C HIS A 46 -33.53 5.66 21.64
N GLY A 47 -34.72 6.11 22.02
CA GLY A 47 -34.96 6.54 23.38
C GLY A 47 -34.19 7.80 23.72
N THR A 48 -33.79 7.91 24.97
CA THR A 48 -33.09 9.08 25.49
C THR A 48 -31.59 8.86 25.62
N VAL A 49 -31.09 7.70 25.24
CA VAL A 49 -29.66 7.39 25.29
C VAL A 49 -29.04 7.75 23.95
N THR A 50 -27.93 8.51 23.99
CA THR A 50 -27.29 9.00 22.78
C THR A 50 -25.99 8.26 22.47
N HIS A 51 -25.85 7.02 22.95
CA HIS A 51 -24.67 6.23 22.68
C HIS A 51 -25.04 4.76 22.68
N GLU A 52 -24.13 3.94 22.14
CA GLU A 52 -24.30 2.50 22.07
C GLU A 52 -23.13 1.83 22.77
N THR A 53 -23.41 0.69 23.42
CA THR A 53 -22.38 -0.07 24.12
C THR A 53 -22.33 -1.50 23.60
N GLN A 54 -21.16 -2.11 23.75
CA GLN A 54 -20.96 -3.51 23.37
C GLN A 54 -19.80 -4.06 24.18
N ALA A 55 -20.01 -5.18 24.85
CA ALA A 55 -18.92 -5.83 25.56
C ALA A 55 -17.87 -6.29 24.56
N ALA A 56 -16.63 -5.87 24.79
CA ALA A 56 -15.55 -6.23 23.88
C ALA A 56 -15.28 -7.72 23.92
N SER A 57 -14.87 -8.26 22.78
CA SER A 57 -14.55 -9.68 22.70
C SER A 57 -13.28 -9.97 23.50
N LYS A 58 -13.19 -11.19 24.01
CA LYS A 58 -12.08 -11.64 24.83
C LYS A 58 -11.53 -12.95 24.29
N HIS A 59 -11.26 -12.98 22.98
CA HIS A 59 -10.68 -14.17 22.33
C HIS A 59 -9.19 -14.23 22.68
N SER A 60 -8.90 -14.76 23.85
CA SER A 60 -7.51 -14.90 24.28
C SER A 60 -6.80 -16.06 23.58
N ASN A 61 -7.52 -16.89 22.84
CA ASN A 61 -6.94 -18.01 22.12
C ASN A 61 -6.77 -17.73 20.63
N SER A 62 -7.10 -16.53 20.17
CA SER A 62 -6.93 -16.11 18.80
C SER A 62 -5.71 -15.21 18.66
N PRO A 63 -5.28 -14.92 17.43
CA PRO A 63 -4.24 -13.90 17.25
C PRO A 63 -4.75 -12.53 17.65
N VAL A 64 -3.82 -11.59 17.77
CA VAL A 64 -4.17 -10.25 18.19
C VAL A 64 -5.18 -9.63 17.23
N LEU A 65 -4.97 -9.81 15.93
CA LEU A 65 -5.76 -9.13 14.93
C LEU A 65 -5.71 -9.91 13.62
N GLU A 66 -6.61 -9.53 12.71
CA GLU A 66 -6.57 -9.99 11.33
C GLU A 66 -6.72 -8.77 10.43
N SER A 67 -5.78 -8.60 9.51
CA SER A 67 -5.78 -7.47 8.60
C SER A 67 -6.05 -7.96 7.18
N ASN A 68 -6.96 -7.30 6.48
CA ASN A 68 -7.37 -7.70 5.15
C ASN A 68 -7.32 -6.50 4.23
N ILE A 69 -6.91 -6.75 2.99
CA ILE A 69 -6.89 -5.75 1.94
C ILE A 69 -8.13 -5.93 1.08
N PHE A 70 -8.77 -4.82 0.72
CA PHE A 70 -9.87 -4.82 -0.22
C PHE A 70 -9.53 -3.94 -1.41
N ILE A 71 -10.00 -4.35 -2.58
CA ILE A 71 -10.01 -3.52 -3.78
C ILE A 71 -11.39 -3.71 -4.39
N SER A 72 -12.25 -2.70 -4.25
CA SER A 72 -13.68 -2.86 -4.48
C SER A 72 -14.18 -1.87 -5.52
N ASP A 73 -15.28 -2.26 -6.18
CA ASP A 73 -15.95 -1.44 -7.18
C ASP A 73 -17.09 -0.71 -6.50
N ILE A 74 -16.98 0.62 -6.44
CA ILE A 74 -17.94 1.48 -5.76
C ILE A 74 -18.77 2.22 -6.80
N THR A 75 -20.07 2.28 -6.57
CA THR A 75 -20.98 3.03 -7.43
C THR A 75 -21.59 4.16 -6.62
N ASP A 76 -21.82 5.29 -7.27
CA ASP A 76 -22.44 6.45 -6.65
C ASP A 76 -23.76 6.76 -7.34
N ASP A 77 -24.50 7.71 -6.76
CA ASP A 77 -25.82 8.06 -7.28
C ASP A 77 -25.77 8.47 -8.75
N SER A 78 -24.60 8.86 -9.27
CA SER A 78 -24.45 9.19 -10.68
C SER A 78 -24.40 7.97 -11.58
N GLY A 79 -24.38 6.77 -11.01
CA GLY A 79 -24.20 5.56 -11.78
C GLY A 79 -22.76 5.28 -12.15
N THR A 80 -21.83 6.12 -11.73
CA THR A 80 -20.43 5.98 -12.08
C THR A 80 -19.74 4.96 -11.17
N HIS A 81 -18.84 4.17 -11.75
CA HIS A 81 -18.09 3.16 -11.02
C HIS A 81 -16.65 3.63 -10.78
N ARG A 82 -16.11 3.30 -9.61
CA ARG A 82 -14.75 3.66 -9.26
C ARG A 82 -14.13 2.51 -8.48
N TRP A 83 -12.83 2.32 -8.68
CA TRP A 83 -12.06 1.38 -7.87
C TRP A 83 -11.55 2.08 -6.62
N VAL A 84 -11.61 1.37 -5.50
CA VAL A 84 -11.10 1.87 -4.23
C VAL A 84 -10.32 0.74 -3.57
N SER A 85 -9.35 1.12 -2.74
CA SER A 85 -8.48 0.17 -2.07
C SER A 85 -8.22 0.63 -0.65
N GLY A 86 -8.05 -0.35 0.24
CA GLY A 86 -7.82 -0.03 1.63
C GLY A 86 -7.72 -1.28 2.47
N HIS A 87 -7.93 -1.12 3.78
CA HIS A 87 -7.77 -2.20 4.73
C HIS A 87 -8.94 -2.26 5.69
N ILE A 88 -9.38 -3.47 6.01
CA ILE A 88 -10.25 -3.74 7.14
C ILE A 88 -9.44 -4.54 8.16
N THR A 89 -9.48 -4.13 9.42
CA THR A 89 -8.69 -4.75 10.48
C THR A 89 -9.61 -5.13 11.62
N GLU A 90 -9.58 -6.41 12.01
CA GLU A 90 -10.38 -6.94 13.10
C GLU A 90 -9.49 -7.18 14.31
N VAL A 91 -9.94 -6.74 15.48
CA VAL A 91 -9.18 -6.85 16.72
C VAL A 91 -9.93 -7.78 17.67
N HIS A 92 -9.22 -8.77 18.20
CA HIS A 92 -9.85 -9.83 18.97
C HIS A 92 -9.89 -9.58 20.47
N ASP A 93 -9.00 -8.74 21.00
CA ASP A 93 -9.00 -8.39 22.43
C ASP A 93 -8.82 -6.88 22.53
N PRO A 94 -9.84 -6.10 22.16
CA PRO A 94 -9.65 -4.65 22.09
C PRO A 94 -9.17 -4.04 23.39
N LEU A 95 -9.62 -4.57 24.53
CA LEU A 95 -9.29 -3.94 25.80
C LEU A 95 -7.77 -3.98 26.07
N ARG A 96 -7.12 -5.09 25.75
CA ARG A 96 -5.71 -5.24 26.08
C ARG A 96 -4.76 -4.89 24.94
N SER A 97 -5.27 -4.63 23.73
CA SER A 97 -4.40 -4.41 22.58
C SER A 97 -4.61 -3.07 21.88
N VAL A 98 -5.69 -2.36 22.16
CA VAL A 98 -6.00 -1.09 21.51
C VAL A 98 -5.61 0.06 22.43
N SER A 99 -4.95 1.07 21.88
CA SER A 99 -4.50 2.21 22.64
C SER A 99 -4.59 3.47 21.78
N VAL A 100 -5.05 4.55 22.39
CA VAL A 100 -5.00 5.88 21.78
C VAL A 100 -3.69 6.52 22.20
N LEU A 101 -2.87 6.90 21.22
CA LEU A 101 -1.56 7.46 21.48
C LEU A 101 -1.53 8.95 21.14
N GLU A 102 -0.79 9.71 21.96
CA GLU A 102 -0.50 11.09 21.64
C GLU A 102 0.60 11.17 20.59
N PRO A 103 0.63 12.23 19.78
CA PRO A 103 1.67 12.33 18.75
C PRO A 103 3.06 12.34 19.37
N GLY A 104 3.90 11.41 18.91
CA GLY A 104 5.27 11.31 19.36
C GLY A 104 5.46 10.64 20.70
N GLY A 105 4.41 10.54 21.52
CA GLY A 105 4.53 9.99 22.84
C GLY A 105 3.83 10.85 23.88
N PRO A 106 3.76 10.37 25.12
CA PRO A 106 3.04 11.11 26.16
C PRO A 106 3.49 12.55 26.26
N GLY A 107 2.51 13.46 26.39
CA GLY A 107 2.76 14.88 26.44
C GLY A 107 2.70 15.58 25.10
N GLY A 108 2.49 14.84 24.01
CA GLY A 108 2.51 15.47 22.70
C GLY A 108 1.44 16.52 22.52
N CYS A 109 0.20 16.19 22.92
CA CYS A 109 -0.90 17.12 22.71
C CYS A 109 -0.68 18.43 23.45
N ALA A 110 -0.06 18.37 24.62
CA ALA A 110 0.23 19.59 25.37
C ALA A 110 1.20 20.50 24.62
N HIS A 111 2.02 19.93 23.74
CA HIS A 111 3.03 20.69 22.99
C HIS A 111 2.62 20.94 21.55
N ASN A 112 1.34 20.73 21.21
CA ASN A 112 0.85 20.93 19.86
C ASN A 112 1.74 20.23 18.84
N HIS A 113 2.23 19.05 19.23
CA HIS A 113 3.16 18.31 18.39
C HIS A 113 2.42 17.54 17.31
N ARG A 114 2.99 17.54 16.10
CA ARG A 114 2.52 16.70 15.01
C ARG A 114 3.62 15.72 14.64
N GLU A 115 3.22 14.51 14.28
CA GLU A 115 4.19 13.45 14.00
C GLU A 115 3.58 12.44 13.05
N LEU A 116 4.45 11.74 12.33
CA LEU A 116 4.02 10.66 11.46
C LEU A 116 3.45 9.51 12.27
N VAL A 117 2.50 8.78 11.67
CA VAL A 117 1.93 7.62 12.33
C VAL A 117 3.02 6.58 12.60
N GLU A 118 3.90 6.35 11.62
CA GLU A 118 4.92 5.31 11.78
C GLU A 118 5.86 5.64 12.94
N VAL A 119 6.16 6.92 13.14
CA VAL A 119 7.05 7.30 14.24
C VAL A 119 6.36 7.08 15.58
N THR A 120 5.15 7.61 15.74
CA THR A 120 4.40 7.38 16.97
C THR A 120 4.14 5.91 17.19
N ALA A 121 3.94 5.15 16.11
CA ALA A 121 3.61 3.73 16.25
C ALA A 121 4.80 2.94 16.79
N LYS A 122 6.03 3.31 16.41
CA LYS A 122 7.19 2.58 16.87
C LYS A 122 7.47 2.75 18.36
N THR A 123 6.90 3.80 18.98
CA THR A 123 7.08 3.99 20.41
C THR A 123 6.37 2.91 21.22
N ARG A 124 5.45 2.17 20.61
CA ARG A 124 4.68 1.13 21.31
C ARG A 124 4.65 -0.17 20.52
N LYS A 125 5.55 -0.33 19.54
CA LYS A 125 5.63 -1.55 18.74
C LYS A 125 4.25 -1.97 18.23
N CYS A 126 3.56 -1.02 17.61
CA CYS A 126 2.20 -1.28 17.13
C CYS A 126 2.23 -2.23 15.95
N LEU A 127 1.34 -3.24 15.98
CA LEU A 127 1.18 -4.13 14.84
C LEU A 127 0.49 -3.42 13.69
N VAL A 128 -0.63 -2.76 13.98
CA VAL A 128 -1.32 -1.91 13.02
C VAL A 128 -1.55 -0.57 13.69
N ALA A 129 -1.27 0.50 12.97
CA ALA A 129 -1.53 1.86 13.45
C ALA A 129 -2.17 2.65 12.33
N GLN A 130 -3.16 3.46 12.69
CA GLN A 130 -3.80 4.38 11.77
C GLN A 130 -3.86 5.76 12.39
N ASN A 131 -3.99 6.77 11.55
CA ASN A 131 -4.23 8.13 12.04
C ASN A 131 -5.53 8.15 12.82
N GLY A 132 -5.55 8.99 13.86
CA GLY A 132 -6.69 9.04 14.76
C GLY A 132 -7.59 10.25 14.57
N GLY A 133 -7.56 11.16 15.54
CA GLY A 133 -8.51 12.24 15.60
C GLY A 133 -8.06 13.49 14.87
N TYR A 134 -8.96 14.47 14.83
CA TYR A 134 -8.73 15.70 14.12
C TYR A 134 -7.80 16.62 14.92
N PHE A 135 -7.23 17.59 14.21
CA PHE A 135 -6.33 18.55 14.84
C PHE A 135 -6.28 19.81 14.00
N ASP A 136 -5.82 20.89 14.61
CA ASP A 136 -5.63 22.16 13.92
C ASP A 136 -4.38 22.08 13.05
N THR A 137 -4.53 22.29 11.74
CA THR A 137 -3.40 22.13 10.83
C THR A 137 -2.42 23.29 10.91
N HIS A 138 -2.82 24.43 11.48
CA HIS A 138 -1.91 25.56 11.59
C HIS A 138 -1.16 25.54 12.91
N THR A 139 -1.85 25.26 14.01
CA THR A 139 -1.25 25.31 15.34
C THR A 139 -0.80 23.95 15.87
N GLY A 140 -1.26 22.86 15.27
CA GLY A 140 -0.98 21.54 15.79
C GLY A 140 -1.84 21.13 16.97
N GLN A 141 -2.78 21.98 17.38
CA GLN A 141 -3.62 21.68 18.53
C GLN A 141 -4.41 20.39 18.33
N CYS A 142 -4.44 19.55 19.36
CA CYS A 142 -5.31 18.38 19.34
C CYS A 142 -6.76 18.82 19.52
N LEU A 143 -7.69 17.97 19.09
CA LEU A 143 -9.10 18.31 19.11
C LEU A 143 -9.91 17.13 19.63
N GLY A 144 -11.06 17.45 20.21
CA GLY A 144 -11.95 16.45 20.74
C GLY A 144 -11.54 16.01 22.14
N ASN A 145 -12.24 14.99 22.63
CA ASN A 145 -11.85 14.33 23.86
C ASN A 145 -10.76 13.31 23.56
N ILE A 146 -9.83 13.16 24.50
CA ILE A 146 -8.69 12.26 24.33
C ILE A 146 -8.38 11.63 25.69
N ILE A 147 -8.42 10.30 25.75
CA ILE A 147 -7.96 9.55 26.90
C ILE A 147 -7.02 8.47 26.39
N SER A 148 -5.77 8.50 26.84
CA SER A 148 -4.73 7.61 26.36
C SER A 148 -4.24 6.74 27.50
N ASP A 149 -4.48 5.43 27.41
CA ASP A 149 -4.00 4.47 28.40
C ASP A 149 -4.40 4.87 29.81
N GLY A 150 -5.67 5.25 29.96
CA GLY A 150 -6.21 5.62 31.25
C GLY A 150 -5.97 7.05 31.66
N LYS A 151 -4.97 7.71 31.07
CA LYS A 151 -4.71 9.12 31.39
C LYS A 151 -5.63 10.01 30.58
N LEU A 152 -6.28 10.96 31.26
CA LEU A 152 -7.07 11.97 30.56
C LEU A 152 -6.13 12.99 29.94
N VAL A 153 -6.20 13.14 28.63
CA VAL A 153 -5.30 14.01 27.89
C VAL A 153 -5.97 15.34 27.54
N ARG A 154 -7.25 15.32 27.19
CA ARG A 154 -7.93 16.54 26.79
C ARG A 154 -9.42 16.39 27.01
N ASN A 155 -10.03 17.35 27.69
CA ASN A 155 -11.47 17.43 27.86
C ASN A 155 -11.99 18.55 26.97
N SER A 156 -12.70 18.17 25.91
CA SER A 156 -13.21 19.17 24.96
C SER A 156 -14.20 20.12 25.61
N GLY A 157 -14.81 19.73 26.73
CA GLY A 157 -15.84 20.53 27.34
C GLY A 157 -17.24 20.19 26.89
N GLY A 158 -17.47 18.94 26.47
CA GLY A 158 -18.78 18.54 26.01
C GLY A 158 -19.06 18.80 24.55
N ILE A 159 -18.03 19.01 23.72
CA ILE A 159 -18.24 19.20 22.30
C ILE A 159 -18.89 17.96 21.73
N GLN A 160 -20.01 18.13 21.04
CA GLN A 160 -20.83 17.01 20.58
C GLN A 160 -20.32 16.57 19.22
N ASN A 161 -19.32 15.69 19.25
CA ASN A 161 -18.85 14.97 18.08
C ASN A 161 -18.91 13.47 18.36
N ALA A 162 -18.91 12.69 17.29
CA ALA A 162 -18.91 11.25 17.43
C ALA A 162 -17.73 10.80 18.29
N GLN A 163 -18.00 9.91 19.25
CA GLN A 163 -16.99 9.44 20.18
C GLN A 163 -16.78 7.94 20.04
N PHE A 164 -15.56 7.50 20.34
CA PHE A 164 -15.24 6.10 20.52
C PHE A 164 -14.39 5.95 21.76
N GLY A 165 -14.79 5.07 22.66
CA GLY A 165 -14.05 4.86 23.88
C GLY A 165 -14.16 3.43 24.37
N ILE A 166 -13.19 3.04 25.19
CA ILE A 166 -13.18 1.74 25.85
C ILE A 166 -13.16 2.00 27.35
N ARG A 167 -14.02 1.29 28.07
CA ARG A 167 -14.09 1.44 29.52
C ARG A 167 -13.24 0.36 30.20
N LYS A 168 -13.01 0.57 31.50
CA LYS A 168 -12.10 -0.29 32.25
C LYS A 168 -12.53 -1.74 32.18
N ASP A 169 -13.83 -2.01 32.14
CA ASP A 169 -14.36 -3.37 32.11
C ASP A 169 -14.52 -3.91 30.69
N GLY A 170 -13.96 -3.24 29.70
CA GLY A 170 -13.99 -3.73 28.34
C GLY A 170 -15.14 -3.22 27.49
N THR A 171 -16.05 -2.44 28.05
CA THR A 171 -17.19 -1.95 27.28
C THR A 171 -16.72 -1.02 26.17
N LEU A 172 -17.10 -1.35 24.94
CA LEU A 172 -16.89 -0.46 23.81
C LEU A 172 -18.04 0.54 23.74
N VAL A 173 -17.71 1.80 23.49
CA VAL A 173 -18.69 2.87 23.50
C VAL A 173 -18.56 3.68 22.21
N PHE A 174 -19.68 3.90 21.54
CA PHE A 174 -19.75 4.70 20.33
C PHE A 174 -20.93 5.65 20.42
N GLY A 175 -20.72 6.89 19.96
CA GLY A 175 -21.81 7.85 19.90
C GLY A 175 -21.50 9.18 20.53
N TYR A 176 -22.54 9.84 21.05
CA TYR A 176 -22.42 11.18 21.62
C TYR A 176 -22.37 11.10 23.14
N LEU A 177 -21.39 11.75 23.74
CA LEU A 177 -21.16 11.70 25.17
C LEU A 177 -21.13 13.10 25.75
N SER A 178 -21.76 13.26 26.90
CA SER A 178 -21.70 14.51 27.63
C SER A 178 -20.37 14.62 28.38
N GLU A 179 -20.08 15.82 28.87
CA GLU A 179 -18.84 16.02 29.62
C GLU A 179 -18.81 15.12 30.85
N ASP A 180 -19.96 14.97 31.53
CA ASP A 180 -20.00 14.12 32.71
C ASP A 180 -19.86 12.64 32.35
N ASP A 181 -20.35 12.24 31.18
CA ASP A 181 -20.20 10.84 30.76
C ASP A 181 -18.74 10.42 30.78
N ILE A 182 -17.85 11.24 30.24
CA ILE A 182 -16.46 10.84 30.11
C ILE A 182 -15.69 11.01 31.41
N LEU A 183 -16.15 11.89 32.30
CA LEU A 183 -15.50 12.09 33.59
C LEU A 183 -15.97 11.09 34.65
N ASP A 184 -16.90 10.21 34.31
CA ASP A 184 -17.39 9.24 35.28
C ASP A 184 -16.24 8.39 35.80
N GLN A 185 -16.22 8.17 37.11
CA GLN A 185 -15.21 7.35 37.76
C GLN A 185 -15.71 5.98 38.17
N GLU A 186 -17.03 5.74 38.10
CA GLU A 186 -17.56 4.43 38.48
C GLU A 186 -16.97 3.33 37.61
N ASN A 187 -16.97 3.52 36.30
CA ASN A 187 -16.35 2.58 35.36
C ASN A 187 -15.62 3.42 34.31
N PRO A 188 -14.42 3.90 34.64
CA PRO A 188 -13.83 4.98 33.85
C PRO A 188 -13.40 4.53 32.46
N PHE A 189 -13.46 5.48 31.53
CA PHE A 189 -12.86 5.28 30.22
C PHE A 189 -11.35 5.10 30.37
N VAL A 190 -10.81 4.11 29.66
CA VAL A 190 -9.37 3.94 29.57
C VAL A 190 -8.83 4.36 28.22
N GLN A 191 -9.65 4.35 27.17
CA GLN A 191 -9.31 4.90 25.87
C GLN A 191 -10.49 5.75 25.40
N LEU A 192 -10.19 6.89 24.81
CA LEU A 192 -11.24 7.74 24.25
C LEU A 192 -10.66 8.59 23.14
N ILE A 193 -11.44 8.72 22.06
CA ILE A 193 -11.02 9.53 20.92
C ILE A 193 -12.28 10.05 20.23
N SER A 194 -12.16 11.19 19.57
CA SER A 194 -13.28 11.86 18.93
C SER A 194 -13.08 11.89 17.43
N GLY A 195 -14.19 11.73 16.69
CA GLY A 195 -14.18 11.86 15.26
C GLY A 195 -15.18 12.90 14.79
N VAL A 196 -15.68 12.76 13.56
CA VAL A 196 -16.68 13.66 13.02
C VAL A 196 -17.62 12.83 12.15
N VAL A 197 -18.88 12.73 12.58
CA VAL A 197 -19.96 12.02 11.90
C VAL A 197 -20.03 10.59 12.43
N TRP A 198 -21.20 10.23 12.94
CA TRP A 198 -21.51 8.88 13.40
C TRP A 198 -22.08 8.10 12.21
N LEU A 199 -21.27 7.19 11.66
CA LEU A 199 -21.62 6.56 10.39
C LEU A 199 -22.75 5.55 10.55
N LEU A 200 -22.59 4.59 11.45
CA LEU A 200 -23.56 3.54 11.65
C LEU A 200 -24.01 3.53 13.11
N ARG A 201 -25.33 3.44 13.31
CA ARG A 201 -25.90 3.23 14.63
C ARG A 201 -26.86 2.06 14.54
N LYS A 202 -26.63 1.04 15.35
CA LYS A 202 -27.50 -0.15 15.38
C LYS A 202 -27.59 -0.78 13.99
N GLY A 203 -26.47 -0.82 13.27
CA GLY A 203 -26.44 -1.41 11.96
C GLY A 203 -27.17 -0.65 10.88
N GLU A 204 -27.53 0.62 11.14
CA GLU A 204 -28.22 1.45 10.16
C GLU A 204 -27.44 2.74 9.97
N ILE A 205 -27.53 3.30 8.76
CA ILE A 205 -26.81 4.52 8.45
C ILE A 205 -27.39 5.67 9.26
N TYR A 206 -26.50 6.49 9.83
CA TYR A 206 -26.87 7.52 10.81
C TYR A 206 -26.33 8.88 10.41
N ILE A 207 -25.96 9.06 9.13
CA ILE A 207 -25.32 10.28 8.70
C ILE A 207 -26.27 11.47 8.83
N ASN A 208 -27.52 11.30 8.40
CA ASN A 208 -28.48 12.40 8.49
C ASN A 208 -28.60 12.91 9.92
N GLU A 209 -28.70 12.00 10.88
CA GLU A 209 -28.78 12.42 12.27
C GLU A 209 -27.49 13.10 12.71
N SER A 210 -26.35 12.58 12.29
CA SER A 210 -25.08 13.19 12.65
C SER A 210 -24.97 14.61 12.12
N ILE A 211 -25.43 14.84 10.89
CA ILE A 211 -25.37 16.18 10.31
C ILE A 211 -26.15 17.16 11.19
N GLN A 212 -27.27 16.71 11.76
CA GLN A 212 -28.05 17.57 12.63
C GLN A 212 -27.36 17.80 13.97
N ALA A 213 -26.63 16.79 14.46
CA ALA A 213 -26.04 16.85 15.79
C ALA A 213 -24.66 17.50 15.81
N GLU A 214 -23.86 17.30 14.77
CA GLU A 214 -22.47 17.72 14.77
C GLU A 214 -22.23 19.00 13.96
N CYS A 215 -23.28 19.64 13.46
CA CYS A 215 -23.15 20.93 12.81
C CYS A 215 -24.36 21.80 13.12
N ASP A 216 -24.12 23.05 13.51
CA ASP A 216 -25.18 23.99 13.84
C ASP A 216 -24.97 25.27 13.03
N LYS A 217 -25.84 26.25 13.26
CA LYS A 217 -25.82 27.49 12.49
C LYS A 217 -24.53 28.28 12.65
N THR A 218 -23.82 28.10 13.77
CA THR A 218 -22.59 28.86 13.97
C THR A 218 -21.45 28.39 13.07
N GLN A 219 -21.62 27.26 12.39
CA GLN A 219 -20.65 26.73 11.43
C GLN A 219 -21.19 26.87 10.01
N GLU A 220 -20.27 26.78 9.05
CA GLU A 220 -20.66 26.82 7.64
C GLU A 220 -21.29 25.46 7.30
N THR A 221 -22.62 25.43 7.21
CA THR A 221 -23.30 24.17 6.95
C THR A 221 -23.00 23.66 5.54
N GLY A 222 -22.75 24.57 4.59
CA GLY A 222 -22.36 24.14 3.26
C GLY A 222 -21.07 23.35 3.28
N ASN A 223 -20.02 23.94 3.88
CA ASN A 223 -18.73 23.26 3.96
C ASN A 223 -18.86 21.90 4.62
N PHE A 224 -19.75 21.79 5.62
CA PHE A 224 -19.89 20.52 6.32
C PHE A 224 -20.56 19.46 5.45
N ARG A 225 -21.64 19.83 4.76
CA ARG A 225 -22.30 18.87 3.89
C ARG A 225 -21.38 18.44 2.76
N HIS A 226 -20.55 19.36 2.25
CA HIS A 226 -19.53 19.00 1.27
C HIS A 226 -18.54 18.01 1.86
N PHE A 227 -18.10 18.25 3.09
CA PHE A 227 -17.23 17.32 3.78
C PHE A 227 -17.82 15.91 3.83
N VAL A 228 -19.14 15.81 3.92
CA VAL A 228 -19.79 14.50 3.96
C VAL A 228 -19.91 13.90 2.56
N ASP A 229 -20.26 14.72 1.57
CA ASP A 229 -20.58 14.23 0.24
C ASP A 229 -19.37 14.01 -0.65
N VAL A 230 -18.31 14.79 -0.47
CA VAL A 230 -17.16 14.68 -1.34
C VAL A 230 -16.45 13.34 -1.09
N ILE A 231 -15.81 12.81 -2.12
CA ILE A 231 -15.01 11.60 -1.99
C ILE A 231 -13.61 12.00 -1.57
N SER A 232 -12.96 11.16 -0.79
CA SER A 232 -11.61 11.41 -0.32
C SER A 232 -11.12 10.16 0.37
N ALA A 233 -9.89 10.23 0.89
CA ALA A 233 -9.41 9.21 1.80
C ALA A 233 -10.17 9.30 3.12
N ARG A 234 -10.50 8.16 3.69
CA ARG A 234 -11.29 8.12 4.91
C ARG A 234 -10.76 7.02 5.82
N THR A 235 -10.92 7.23 7.12
CA THR A 235 -10.67 6.20 8.12
C THR A 235 -11.86 6.15 9.07
N ALA A 236 -12.10 4.98 9.64
CA ALA A 236 -13.22 4.81 10.55
C ALA A 236 -12.89 3.71 11.55
N VAL A 237 -13.65 3.70 12.64
CA VAL A 237 -13.52 2.67 13.67
C VAL A 237 -14.92 2.24 14.10
N GLY A 238 -15.10 0.94 14.28
CA GLY A 238 -16.38 0.40 14.68
C GLY A 238 -16.21 -0.97 15.31
N HIS A 239 -17.34 -1.64 15.48
CA HIS A 239 -17.35 -2.96 16.10
C HIS A 239 -18.46 -3.80 15.49
N ASP A 240 -18.36 -5.11 15.71
CA ASP A 240 -19.35 -6.07 15.23
C ASP A 240 -20.04 -6.73 16.43
N LYS A 241 -21.00 -7.61 16.15
CA LYS A 241 -21.76 -8.25 17.21
C LYS A 241 -20.85 -9.13 18.08
N GLU A 242 -19.79 -9.69 17.50
CA GLU A 242 -18.87 -10.53 18.24
C GLU A 242 -18.07 -9.74 19.26
N GLY A 243 -18.13 -8.41 19.23
CA GLY A 243 -17.35 -7.57 20.10
C GLY A 243 -15.96 -7.24 19.59
N LYS A 244 -15.63 -7.64 18.38
CA LYS A 244 -14.35 -7.28 17.78
C LYS A 244 -14.37 -5.83 17.33
N LEU A 245 -13.21 -5.19 17.40
CA LEU A 245 -13.05 -3.83 16.91
C LEU A 245 -12.71 -3.85 15.43
N ILE A 246 -13.34 -2.98 14.66
CA ILE A 246 -13.16 -2.92 13.22
C ILE A 246 -12.49 -1.60 12.88
N LEU A 247 -11.31 -1.66 12.27
CA LEU A 247 -10.58 -0.49 11.80
C LEU A 247 -10.69 -0.44 10.29
N PHE A 248 -11.18 0.69 9.77
CA PHE A 248 -11.40 0.87 8.34
C PHE A 248 -10.49 1.97 7.82
N HIS A 249 -9.96 1.76 6.61
CA HIS A 249 -9.13 2.75 5.94
C HIS A 249 -9.28 2.58 4.45
N VAL A 250 -9.44 3.70 3.73
CA VAL A 250 -9.51 3.69 2.28
C VAL A 250 -8.71 4.87 1.76
N ASP A 251 -7.81 4.61 0.81
CA ASP A 251 -7.03 5.67 0.20
C ASP A 251 -7.88 6.50 -0.74
N GLY A 252 -7.46 7.74 -0.95
CA GLY A 252 -8.19 8.63 -1.84
C GLY A 252 -7.58 10.01 -1.84
N GLN A 253 -8.24 10.91 -2.57
CA GLN A 253 -7.84 12.31 -2.65
C GLN A 253 -9.08 13.14 -2.91
N THR A 254 -9.28 14.18 -2.09
CA THR A 254 -10.54 14.91 -2.07
C THR A 254 -10.98 15.30 -3.47
N ASP A 255 -12.18 14.84 -3.85
CA ASP A 255 -12.83 15.16 -5.11
C ASP A 255 -12.15 14.51 -6.31
N VAL A 256 -11.38 13.44 -6.10
CA VAL A 256 -10.70 12.78 -7.21
C VAL A 256 -10.78 11.27 -7.05
N ARG A 257 -10.48 10.77 -5.84
CA ARG A 257 -10.47 9.34 -5.60
C ARG A 257 -11.02 9.06 -4.21
N GLY A 258 -11.36 7.80 -3.97
CA GLY A 258 -11.81 7.37 -2.66
C GLY A 258 -13.33 7.32 -2.51
N MET A 259 -13.79 7.54 -1.28
CA MET A 259 -15.20 7.38 -0.94
C MET A 259 -15.69 8.62 -0.20
N ASN A 260 -17.00 8.81 -0.22
CA ASN A 260 -17.68 9.72 0.69
C ASN A 260 -18.24 8.93 1.87
N LEU A 261 -18.77 9.66 2.85
CA LEU A 261 -19.21 9.00 4.07
C LEU A 261 -20.42 8.11 3.82
N TRP A 262 -21.29 8.50 2.88
CA TRP A 262 -22.39 7.60 2.50
C TRP A 262 -21.85 6.26 2.02
N GLN A 263 -20.77 6.29 1.23
CA GLN A 263 -20.21 5.05 0.70
C GLN A 263 -19.47 4.27 1.77
N VAL A 264 -18.76 4.97 2.66
CA VAL A 264 -18.11 4.29 3.78
C VAL A 264 -19.16 3.58 4.64
N ALA A 265 -20.24 4.27 4.96
CA ALA A 265 -21.26 3.70 5.81
C ALA A 265 -21.85 2.43 5.20
N LYS A 266 -22.23 2.49 3.92
CA LYS A 266 -22.78 1.30 3.28
C LYS A 266 -21.74 0.19 3.22
N PHE A 267 -20.48 0.53 2.94
CA PHE A 267 -19.43 -0.47 2.89
C PHE A 267 -19.34 -1.22 4.20
N LEU A 268 -19.31 -0.48 5.32
CA LEU A 268 -19.21 -1.12 6.62
C LEU A 268 -20.49 -1.86 6.98
N LYS A 269 -21.64 -1.30 6.61
CA LYS A 269 -22.91 -1.98 6.89
C LYS A 269 -22.92 -3.37 6.27
N ASP A 270 -22.32 -3.52 5.09
CA ASP A 270 -22.23 -4.81 4.43
C ASP A 270 -21.08 -5.66 4.97
N GLN A 271 -20.34 -5.17 5.95
CA GLN A 271 -19.32 -5.95 6.64
C GLN A 271 -19.73 -6.30 8.07
N ASN A 272 -21.05 -6.31 8.35
CA ASN A 272 -21.57 -6.69 9.66
C ASN A 272 -21.03 -5.78 10.77
N VAL A 273 -20.74 -4.54 10.44
CA VAL A 273 -20.41 -3.54 11.45
C VAL A 273 -21.71 -3.04 12.07
N MET A 274 -21.72 -2.92 13.39
CA MET A 274 -22.91 -2.52 14.12
C MET A 274 -22.92 -1.04 14.46
N ASN A 275 -21.77 -0.49 14.85
CA ASN A 275 -21.63 0.93 15.11
C ASN A 275 -20.25 1.37 14.64
N ALA A 276 -20.16 2.57 14.08
CA ALA A 276 -18.88 3.08 13.60
C ALA A 276 -18.95 4.59 13.50
N ILE A 277 -17.80 5.23 13.72
CA ILE A 277 -17.67 6.67 13.57
C ILE A 277 -16.54 6.96 12.60
N ASN A 278 -16.62 8.14 11.98
CA ASN A 278 -15.64 8.58 10.99
C ASN A 278 -14.53 9.37 11.67
N LEU A 279 -13.29 8.97 11.43
CA LEU A 279 -12.14 9.67 11.98
C LEU A 279 -11.52 10.56 10.89
N ASP A 280 -10.32 11.08 11.17
CA ASP A 280 -9.68 12.02 10.26
C ASP A 280 -9.34 11.35 8.94
N GLY A 281 -9.46 12.10 7.85
CA GLY A 281 -9.22 11.57 6.53
C GLY A 281 -8.44 12.49 5.61
N GLY A 282 -8.68 12.37 4.31
CA GLY A 282 -7.89 13.14 3.37
C GLY A 282 -6.41 12.78 3.45
N GLY A 283 -5.57 13.82 3.40
CA GLY A 283 -4.13 13.61 3.48
C GLY A 283 -3.66 13.04 4.80
N SER A 284 -4.52 13.03 5.82
CA SER A 284 -4.14 12.45 7.10
C SER A 284 -4.26 10.92 7.11
N ALA A 285 -5.10 10.37 6.24
CA ALA A 285 -5.35 8.94 6.24
C ALA A 285 -4.07 8.16 6.02
N THR A 286 -3.72 7.32 6.99
CA THR A 286 -2.50 6.52 6.94
C THR A 286 -2.77 5.14 7.53
N TYR A 287 -2.15 4.12 6.93
CA TYR A 287 -2.21 2.76 7.45
C TYR A 287 -0.77 2.26 7.57
N VAL A 288 -0.32 2.05 8.81
CA VAL A 288 1.04 1.63 9.09
C VAL A 288 0.99 0.20 9.58
N LEU A 289 1.74 -0.67 8.92
CA LEU A 289 1.74 -2.10 9.23
C LEU A 289 3.10 -2.45 9.84
N ASN A 290 3.11 -2.62 11.15
CA ASN A 290 4.30 -3.09 11.86
C ASN A 290 5.42 -2.06 11.74
N GLY A 291 5.06 -0.78 11.81
CA GLY A 291 6.01 0.31 11.71
C GLY A 291 6.34 0.75 10.31
N SER A 292 5.82 0.06 9.29
CA SER A 292 6.10 0.37 7.89
C SER A 292 4.86 0.96 7.24
N LEU A 293 5.03 2.11 6.58
CA LEU A 293 3.94 2.68 5.80
C LEU A 293 3.47 1.68 4.75
N ALA A 294 2.18 1.35 4.77
CA ALA A 294 1.61 0.32 3.92
C ALA A 294 0.39 0.80 3.17
N SER A 295 0.33 2.10 2.87
CA SER A 295 -0.75 2.66 2.06
C SER A 295 -0.15 3.74 1.16
N TYR A 296 -0.99 4.31 0.30
CA TYR A 296 -0.59 5.36 -0.64
C TYR A 296 -1.17 6.69 -0.18
N PRO A 297 -0.43 7.52 0.56
CA PRO A 297 -0.98 8.79 1.02
C PRO A 297 -1.22 9.74 -0.16
N SER A 298 -2.03 10.76 0.11
CA SER A 298 -2.46 11.68 -0.93
C SER A 298 -1.67 12.98 -0.94
N ASP A 299 -1.17 13.43 0.21
CA ASP A 299 -0.38 14.66 0.22
C ASP A 299 0.83 14.51 -0.68
N HIS A 300 1.14 15.57 -1.43
CA HIS A 300 2.40 15.58 -2.16
C HIS A 300 3.55 15.90 -1.22
N CYS A 301 4.73 15.46 -1.61
CA CYS A 301 5.92 15.76 -0.84
C CYS A 301 6.37 17.19 -1.11
N ASN A 302 7.18 17.72 -0.20
CA ASN A 302 7.79 19.03 -0.38
C ASN A 302 9.19 18.85 -0.92
N PRO A 303 9.50 19.28 -2.16
CA PRO A 303 8.71 19.96 -3.16
C PRO A 303 8.48 19.10 -4.39
N SER A 304 8.74 17.80 -4.30
CA SER A 304 8.54 16.91 -5.42
C SER A 304 7.06 16.62 -5.62
N LYS A 305 6.75 15.88 -6.67
CA LYS A 305 5.40 15.40 -6.94
C LYS A 305 5.21 13.97 -6.44
N TRP A 306 6.13 13.47 -5.62
CA TRP A 306 5.92 12.20 -4.94
C TRP A 306 4.92 12.39 -3.82
N ARG A 307 4.40 11.28 -3.32
CA ARG A 307 3.44 11.31 -2.23
C ARG A 307 4.15 11.11 -0.89
N CYS A 308 3.68 11.83 0.13
CA CYS A 308 4.26 11.79 1.46
C CYS A 308 3.17 11.59 2.52
N PRO A 309 3.42 10.79 3.54
CA PRO A 309 2.49 10.73 4.67
C PRO A 309 2.55 12.03 5.47
N ARG A 310 1.42 12.35 6.09
CA ARG A 310 1.25 13.61 6.79
C ARG A 310 1.62 13.46 8.27
N ALA A 311 2.20 14.52 8.83
CA ALA A 311 2.41 14.60 10.26
C ALA A 311 1.08 14.92 10.94
N ILE A 312 0.60 13.98 11.76
CA ILE A 312 -0.74 14.08 12.32
C ILE A 312 -0.68 14.16 13.84
N SER A 313 -1.84 13.98 14.49
CA SER A 313 -1.93 14.13 15.94
C SER A 313 -2.02 12.78 16.62
N THR A 314 -3.19 12.45 17.19
CA THR A 314 -3.34 11.18 17.88
C THR A 314 -3.33 10.02 16.89
N VAL A 315 -3.07 8.82 17.41
CA VAL A 315 -2.94 7.61 16.61
C VAL A 315 -3.71 6.48 17.29
N LEU A 316 -4.41 5.68 16.49
CA LEU A 316 -5.00 4.44 16.96
C LEU A 316 -3.99 3.32 16.77
N CYS A 317 -3.64 2.65 17.85
CA CYS A 317 -2.58 1.65 17.86
C CYS A 317 -3.14 0.31 18.31
N ILE A 318 -2.80 -0.75 17.58
CA ILE A 318 -3.11 -2.11 17.97
C ILE A 318 -1.77 -2.80 18.22
N HIS A 319 -1.57 -3.27 19.45
CA HIS A 319 -0.29 -3.77 19.91
C HIS A 319 -0.47 -5.09 20.63
N GLU A 320 0.66 -5.70 20.99
CA GLU A 320 0.64 -6.96 21.72
C GLU A 320 -0.22 -6.85 22.96
N ARG A 321 -0.87 -7.95 23.31
CA ARG A 321 -1.68 -8.02 24.52
C ARG A 321 -0.81 -7.88 25.78
N HIS B 15 -1.64 -20.08 -0.81
CA HIS B 15 -2.02 -18.84 -0.14
C HIS B 15 -3.10 -18.08 -0.89
N SER B 16 -2.77 -17.60 -2.09
CA SER B 16 -3.72 -16.90 -2.93
C SER B 16 -4.34 -17.85 -3.95
N SER B 17 -5.41 -17.38 -4.58
CA SER B 17 -6.10 -18.16 -5.60
C SER B 17 -5.36 -18.19 -6.93
N ASP B 18 -4.35 -17.34 -7.11
CA ASP B 18 -3.57 -17.29 -8.35
C ASP B 18 -4.45 -16.94 -9.55
N ASP B 19 -5.43 -16.07 -9.33
CA ASP B 19 -6.45 -15.82 -10.34
C ASP B 19 -6.17 -14.63 -11.25
N ASP B 20 -5.13 -13.83 -10.96
CA ASP B 20 -4.72 -12.76 -11.86
C ASP B 20 -3.44 -13.18 -12.57
N LEU B 21 -3.59 -14.10 -13.52
CA LEU B 21 -2.46 -14.64 -14.25
C LEU B 21 -2.16 -13.77 -15.46
N LEU B 22 -0.89 -13.40 -15.62
CA LEU B 22 -0.41 -12.59 -16.73
C LEU B 22 0.69 -13.41 -17.39
N LEU B 23 0.31 -14.26 -18.34
CA LEU B 23 1.22 -15.24 -18.91
C LEU B 23 1.65 -14.78 -20.30
N PRO B 24 2.95 -14.58 -20.53
CA PRO B 24 3.39 -14.24 -21.89
C PRO B 24 3.45 -15.43 -22.84
N TYR B 25 3.56 -16.64 -22.31
CA TYR B 25 3.68 -17.85 -23.12
C TYR B 25 2.56 -18.83 -22.76
N THR B 26 1.92 -19.38 -23.78
CA THR B 26 0.82 -20.33 -23.58
C THR B 26 1.31 -21.71 -23.19
N LYS B 27 2.50 -22.11 -23.63
CA LYS B 27 3.02 -23.44 -23.36
C LYS B 27 4.40 -23.41 -22.73
N SER B 28 5.46 -23.38 -23.53
CA SER B 28 6.82 -23.40 -23.01
C SER B 28 7.32 -21.98 -22.80
N HIS B 29 7.96 -21.76 -21.65
CA HIS B 29 8.47 -20.43 -21.34
C HIS B 29 9.67 -20.09 -22.21
N GLY B 30 9.70 -18.84 -22.68
CA GLY B 30 10.79 -18.32 -23.46
C GLY B 30 10.73 -18.77 -24.91
N PRO B 31 11.55 -18.14 -25.75
CA PRO B 31 11.64 -18.56 -27.15
C PRO B 31 12.56 -19.77 -27.29
N SER B 32 12.54 -20.36 -28.48
CA SER B 32 13.36 -21.53 -28.77
C SER B 32 14.65 -21.21 -29.51
N HIS B 33 14.72 -20.06 -30.18
CA HIS B 33 15.87 -19.73 -30.99
C HIS B 33 17.04 -19.27 -30.13
N SER B 34 18.22 -19.26 -30.75
CA SER B 34 19.48 -19.09 -30.04
C SER B 34 19.86 -17.61 -29.92
N HIS B 35 20.82 -17.34 -29.04
CA HIS B 35 21.37 -15.99 -28.92
C HIS B 35 21.92 -15.49 -30.24
N ARG B 36 22.44 -16.38 -31.08
CA ARG B 36 22.93 -15.96 -32.39
C ARG B 36 21.78 -15.38 -33.23
N TYR B 37 20.60 -16.00 -33.16
CA TYR B 37 19.45 -15.46 -33.87
C TYR B 37 19.11 -14.06 -33.39
N VAL B 38 19.14 -13.84 -32.06
CA VAL B 38 18.83 -12.53 -31.52
C VAL B 38 19.78 -11.49 -32.13
N ARG B 39 21.05 -11.85 -32.26
CA ARG B 39 22.01 -10.93 -32.86
C ARG B 39 21.65 -10.61 -34.31
N ASP B 40 21.17 -11.60 -35.06
CA ASP B 40 20.92 -11.40 -36.48
C ASP B 40 19.68 -10.53 -36.71
N CYS B 41 18.65 -10.69 -35.88
CA CYS B 41 17.45 -9.89 -36.00
C CYS B 41 17.57 -8.53 -35.33
N GLN B 42 18.54 -8.37 -34.43
CA GLN B 42 18.70 -7.11 -33.72
C GLN B 42 18.93 -5.97 -34.70
N PRO B 43 18.46 -4.76 -34.38
CA PRO B 43 18.59 -3.65 -35.32
C PRO B 43 20.04 -3.22 -35.54
N VAL B 44 20.31 -2.72 -36.74
CA VAL B 44 21.65 -2.32 -37.14
C VAL B 44 22.20 -1.22 -36.25
N ALA B 45 21.32 -0.41 -35.64
CA ALA B 45 21.78 0.71 -34.84
C ALA B 45 22.66 0.27 -33.67
N HIS B 46 22.57 -0.99 -33.24
CA HIS B 46 23.29 -1.47 -32.07
C HIS B 46 24.44 -2.41 -32.40
N GLY B 47 24.74 -2.63 -33.68
CA GLY B 47 25.83 -3.52 -34.00
C GLY B 47 25.51 -4.96 -33.67
N THR B 48 26.54 -5.70 -33.26
CA THR B 48 26.42 -7.12 -32.97
C THR B 48 26.35 -7.43 -31.48
N VAL B 49 26.39 -6.43 -30.61
CA VAL B 49 26.30 -6.66 -29.17
C VAL B 49 24.84 -6.55 -28.75
N THR B 50 24.37 -7.55 -28.00
CA THR B 50 22.98 -7.66 -27.62
C THR B 50 22.74 -7.33 -26.15
N HIS B 51 23.64 -6.56 -25.53
CA HIS B 51 23.45 -6.17 -24.14
C HIS B 51 24.10 -4.81 -23.92
N GLU B 52 23.73 -4.18 -22.80
CA GLU B 52 24.25 -2.89 -22.40
C GLU B 52 24.88 -3.01 -21.02
N THR B 53 25.95 -2.24 -20.81
CA THR B 53 26.65 -2.22 -19.54
C THR B 53 26.68 -0.80 -18.97
N GLN B 54 26.79 -0.72 -17.65
CA GLN B 54 26.87 0.55 -16.96
C GLN B 54 27.55 0.31 -15.62
N ALA B 55 28.59 1.09 -15.33
CA ALA B 55 29.23 1.02 -14.02
C ALA B 55 28.25 1.46 -12.94
N ALA B 56 28.06 0.62 -11.94
CA ALA B 56 27.15 0.94 -10.86
C ALA B 56 27.71 2.08 -10.02
N SER B 57 26.80 2.89 -9.47
CA SER B 57 27.20 3.99 -8.60
C SER B 57 27.76 3.45 -7.29
N LYS B 58 28.66 4.23 -6.69
CA LYS B 58 29.34 3.89 -5.44
C LYS B 58 29.23 5.02 -4.44
N HIS B 59 28.00 5.49 -4.21
CA HIS B 59 27.73 6.55 -3.24
C HIS B 59 27.77 5.94 -1.84
N SER B 60 28.97 5.82 -1.30
CA SER B 60 29.14 5.31 0.06
C SER B 60 28.76 6.32 1.13
N ASN B 61 28.52 7.57 0.76
CA ASN B 61 28.13 8.62 1.69
C ASN B 61 26.64 8.90 1.69
N SER B 62 25.87 8.16 0.92
CA SER B 62 24.42 8.29 0.85
C SER B 62 23.75 7.19 1.65
N PRO B 63 22.45 7.30 1.91
CA PRO B 63 21.72 6.17 2.48
C PRO B 63 21.68 5.02 1.50
N VAL B 64 21.28 3.85 2.00
CA VAL B 64 21.24 2.67 1.15
C VAL B 64 20.33 2.91 -0.04
N LEU B 65 19.17 3.53 0.18
CA LEU B 65 18.18 3.67 -0.86
C LEU B 65 17.29 4.86 -0.55
N GLU B 66 16.51 5.26 -1.56
CA GLU B 66 15.42 6.20 -1.41
C GLU B 66 14.20 5.62 -2.10
N SER B 67 13.09 5.51 -1.37
CA SER B 67 11.86 4.94 -1.90
C SER B 67 10.79 6.02 -1.98
N ASN B 68 10.08 6.07 -3.10
CA ASN B 68 9.08 7.09 -3.34
C ASN B 68 7.78 6.44 -3.82
N ILE B 69 6.66 7.01 -3.38
CA ILE B 69 5.34 6.60 -3.81
C ILE B 69 4.88 7.56 -4.89
N PHE B 70 4.29 7.01 -5.95
CA PHE B 70 3.66 7.83 -6.98
C PHE B 70 2.20 7.45 -7.10
N ILE B 71 1.37 8.44 -7.41
CA ILE B 71 -0.01 8.23 -7.82
C ILE B 71 -0.20 9.13 -9.03
N SER B 72 -0.26 8.53 -10.21
CA SER B 72 -0.10 9.26 -11.45
C SER B 72 -1.28 9.05 -12.39
N ASP B 73 -1.49 10.04 -13.25
CA ASP B 73 -2.53 10.01 -14.27
C ASP B 73 -1.88 9.56 -15.57
N ILE B 74 -2.26 8.39 -16.06
CA ILE B 74 -1.67 7.77 -17.24
C ILE B 74 -2.66 7.86 -18.38
N THR B 75 -2.17 8.20 -19.57
CA THR B 75 -2.98 8.26 -20.78
C THR B 75 -2.48 7.22 -21.79
N ASP B 76 -3.41 6.66 -22.55
CA ASP B 76 -3.10 5.67 -23.58
C ASP B 76 -3.49 6.22 -24.95
N ASP B 77 -3.11 5.47 -25.99
CA ASP B 77 -3.37 5.89 -27.36
C ASP B 77 -4.85 6.14 -27.64
N SER B 78 -5.74 5.57 -26.83
CA SER B 78 -7.17 5.81 -26.97
C SER B 78 -7.60 7.14 -26.37
N GLY B 79 -6.69 7.88 -25.74
CA GLY B 79 -7.06 9.08 -25.03
C GLY B 79 -7.62 8.85 -23.64
N THR B 80 -7.67 7.60 -23.18
CA THR B 80 -8.27 7.30 -21.89
C THR B 80 -7.28 7.58 -20.77
N HIS B 81 -7.79 8.13 -19.67
CA HIS B 81 -7.00 8.46 -18.50
C HIS B 81 -7.26 7.47 -17.39
N ARG B 82 -6.22 7.11 -16.65
CA ARG B 82 -6.31 6.16 -15.55
C ARG B 82 -5.40 6.61 -14.42
N TRP B 83 -5.84 6.36 -13.18
CA TRP B 83 -4.98 6.55 -12.02
C TRP B 83 -4.20 5.27 -11.77
N VAL B 84 -2.92 5.43 -11.45
CA VAL B 84 -2.05 4.31 -11.11
C VAL B 84 -1.24 4.70 -9.88
N SER B 85 -0.84 3.69 -9.11
CA SER B 85 -0.10 3.92 -7.89
C SER B 85 0.98 2.85 -7.76
N GLY B 86 2.11 3.23 -7.18
CA GLY B 86 3.21 2.29 -7.03
C GLY B 86 4.40 2.96 -6.40
N HIS B 87 5.57 2.34 -6.60
CA HIS B 87 6.80 2.79 -5.96
C HIS B 87 7.95 2.82 -6.95
N ILE B 88 8.78 3.86 -6.85
CA ILE B 88 10.09 3.92 -7.48
C ILE B 88 11.13 3.88 -6.37
N THR B 89 12.13 3.02 -6.52
CA THR B 89 13.17 2.86 -5.50
C THR B 89 14.52 3.03 -6.17
N GLU B 90 15.32 3.95 -5.64
CA GLU B 90 16.66 4.22 -6.14
C GLU B 90 17.68 3.63 -5.18
N VAL B 91 18.66 2.91 -5.72
CA VAL B 91 19.69 2.24 -4.94
C VAL B 91 21.03 2.89 -5.26
N HIS B 92 21.75 3.29 -4.22
CA HIS B 92 22.97 4.08 -4.38
C HIS B 92 24.23 3.24 -4.48
N ASP B 93 24.23 2.02 -3.93
CA ASP B 93 25.38 1.11 -4.00
C ASP B 93 24.88 -0.27 -4.40
N PRO B 94 24.47 -0.45 -5.66
CA PRO B 94 23.82 -1.71 -6.04
C PRO B 94 24.67 -2.94 -5.74
N LEU B 95 25.98 -2.84 -5.91
CA LEU B 95 26.84 -4.00 -5.75
C LEU B 95 26.80 -4.54 -4.33
N ARG B 96 26.75 -3.65 -3.35
CA ARG B 96 26.86 -4.03 -1.94
C ARG B 96 25.51 -4.25 -1.27
N SER B 97 24.40 -3.86 -1.92
CA SER B 97 23.09 -3.89 -1.28
C SER B 97 22.02 -4.67 -2.05
N VAL B 98 22.25 -5.01 -3.31
CA VAL B 98 21.25 -5.69 -4.13
C VAL B 98 21.57 -7.18 -4.16
N SER B 99 20.54 -8.01 -3.97
CA SER B 99 20.71 -9.45 -3.94
C SER B 99 19.49 -10.12 -4.55
N VAL B 100 19.75 -11.13 -5.38
CA VAL B 100 18.71 -12.02 -5.89
C VAL B 100 18.58 -13.19 -4.92
N LEU B 101 17.39 -13.39 -4.39
CA LEU B 101 17.14 -14.42 -3.39
C LEU B 101 16.32 -15.55 -3.97
N GLU B 102 16.64 -16.79 -3.56
CA GLU B 102 15.78 -17.92 -3.87
C GLU B 102 14.55 -17.91 -2.95
N PRO B 103 13.43 -18.47 -3.41
CA PRO B 103 12.23 -18.46 -2.58
C PRO B 103 12.44 -19.20 -1.27
N GLY B 104 12.15 -18.51 -0.16
CA GLY B 104 12.24 -19.11 1.16
C GLY B 104 13.63 -19.16 1.75
N GLY B 105 14.67 -19.04 0.92
CA GLY B 105 16.03 -19.16 1.40
C GLY B 105 16.86 -20.03 0.47
N PRO B 106 18.16 -20.11 0.72
CA PRO B 106 19.03 -20.88 -0.17
C PRO B 106 18.51 -22.30 -0.37
N GLY B 107 18.54 -22.75 -1.62
CA GLY B 107 18.04 -24.05 -1.98
C GLY B 107 16.57 -24.09 -2.40
N GLY B 108 15.87 -22.95 -2.35
CA GLY B 108 14.45 -22.96 -2.64
C GLY B 108 14.14 -23.45 -4.04
N CYS B 109 14.85 -22.93 -5.04
CA CYS B 109 14.56 -23.32 -6.41
C CYS B 109 14.75 -24.82 -6.63
N ALA B 110 15.69 -25.43 -5.91
CA ALA B 110 15.90 -26.86 -6.07
C ALA B 110 14.68 -27.67 -5.65
N HIS B 111 13.84 -27.12 -4.78
CA HIS B 111 12.65 -27.81 -4.29
C HIS B 111 11.37 -27.27 -4.90
N ASN B 112 11.46 -26.49 -5.98
CA ASN B 112 10.27 -25.91 -6.62
C ASN B 112 9.41 -25.22 -5.59
N HIS B 113 10.06 -24.56 -4.63
CA HIS B 113 9.37 -23.92 -3.52
C HIS B 113 8.84 -22.56 -3.96
N ARG B 114 7.61 -22.25 -3.53
CA ARG B 114 7.02 -20.93 -3.70
C ARG B 114 6.79 -20.33 -2.32
N GLU B 115 7.00 -19.02 -2.21
CA GLU B 115 6.91 -18.36 -0.93
C GLU B 115 6.55 -16.89 -1.13
N LEU B 116 5.97 -16.31 -0.09
CA LEU B 116 5.66 -14.89 -0.08
C LEU B 116 6.94 -14.06 -0.09
N VAL B 117 6.86 -12.89 -0.71
CA VAL B 117 8.01 -11.98 -0.73
C VAL B 117 8.39 -11.57 0.70
N GLU B 118 7.40 -11.25 1.52
CA GLU B 118 7.70 -10.78 2.87
C GLU B 118 8.42 -11.86 3.68
N VAL B 119 8.06 -13.12 3.47
CA VAL B 119 8.73 -14.21 4.19
C VAL B 119 10.18 -14.34 3.71
N THR B 120 10.38 -14.44 2.41
CA THR B 120 11.73 -14.50 1.87
C THR B 120 12.53 -13.26 2.25
N ALA B 121 11.87 -12.10 2.31
CA ALA B 121 12.58 -10.86 2.59
C ALA B 121 13.12 -10.84 4.02
N LYS B 122 12.40 -11.44 4.97
CA LYS B 122 12.85 -11.44 6.36
C LYS B 122 14.09 -12.29 6.56
N THR B 123 14.39 -13.21 5.65
CA THR B 123 15.59 -14.03 5.81
C THR B 123 16.87 -13.24 5.64
N ARG B 124 16.80 -12.03 5.06
CA ARG B 124 17.98 -11.21 4.81
C ARG B 124 17.79 -9.77 5.25
N LYS B 125 16.80 -9.50 6.10
CA LYS B 125 16.55 -8.15 6.61
C LYS B 125 16.48 -7.13 5.47
N CYS B 126 15.69 -7.44 4.45
CA CYS B 126 15.59 -6.56 3.29
C CYS B 126 14.86 -5.28 3.66
N LEU B 127 15.42 -4.14 3.26
CA LEU B 127 14.74 -2.87 3.45
C LEU B 127 13.59 -2.73 2.47
N VAL B 128 13.84 -2.99 1.19
CA VAL B 128 12.81 -3.05 0.16
C VAL B 128 12.98 -4.36 -0.58
N ALA B 129 11.86 -5.05 -0.80
CA ALA B 129 11.86 -6.29 -1.57
C ALA B 129 10.69 -6.28 -2.54
N GLN B 130 10.93 -6.80 -3.74
CA GLN B 130 9.89 -6.99 -4.73
C GLN B 130 9.99 -8.40 -5.29
N ASN B 131 8.88 -8.88 -5.84
CA ASN B 131 8.90 -10.16 -6.53
C ASN B 131 9.90 -10.09 -7.69
N GLY B 132 10.51 -11.24 -7.98
CA GLY B 132 11.55 -11.27 -8.98
C GLY B 132 11.11 -11.85 -10.31
N GLY B 133 11.62 -13.04 -10.64
CA GLY B 133 11.45 -13.61 -11.96
C GLY B 133 10.23 -14.49 -12.07
N TYR B 134 10.00 -14.96 -13.29
CA TYR B 134 8.86 -15.80 -13.61
C TYR B 134 9.07 -17.21 -13.09
N PHE B 135 7.97 -17.95 -12.98
CA PHE B 135 8.01 -19.33 -12.50
C PHE B 135 6.78 -20.06 -13.02
N ASP B 136 6.86 -21.39 -12.98
CA ASP B 136 5.73 -22.23 -13.36
C ASP B 136 4.71 -22.21 -12.24
N THR B 137 3.48 -21.77 -12.55
CA THR B 137 2.45 -21.63 -11.54
C THR B 137 1.87 -22.98 -11.10
N HIS B 138 2.05 -24.03 -11.89
CA HIS B 138 1.55 -25.35 -11.54
C HIS B 138 2.57 -26.18 -10.77
N THR B 139 3.83 -26.18 -11.21
CA THR B 139 4.86 -27.00 -10.59
C THR B 139 5.72 -26.26 -9.59
N GLY B 140 5.71 -24.92 -9.62
CA GLY B 140 6.61 -24.14 -8.78
C GLY B 140 8.02 -24.02 -9.32
N GLN B 141 8.30 -24.61 -10.48
CA GLN B 141 9.64 -24.58 -11.06
C GLN B 141 10.08 -23.15 -11.32
N CYS B 142 11.32 -22.84 -10.93
CA CYS B 142 11.91 -21.55 -11.26
C CYS B 142 12.23 -21.48 -12.75
N LEU B 143 12.33 -20.26 -13.26
CA LEU B 143 12.53 -20.03 -14.69
C LEU B 143 13.59 -18.96 -14.92
N GLY B 144 14.23 -19.04 -16.08
CA GLY B 144 15.27 -18.11 -16.46
C GLY B 144 16.61 -18.48 -15.85
N ASN B 145 17.58 -17.59 -16.06
CA ASN B 145 18.86 -17.70 -15.38
C ASN B 145 18.75 -17.08 -13.98
N ILE B 146 19.48 -17.66 -13.04
CA ILE B 146 19.44 -17.22 -11.65
C ILE B 146 20.85 -17.35 -11.07
N ILE B 147 21.39 -16.25 -10.58
CA ILE B 147 22.62 -16.25 -9.79
C ILE B 147 22.36 -15.44 -8.53
N SER B 148 22.50 -16.08 -7.38
CA SER B 148 22.18 -15.48 -6.08
C SER B 148 23.46 -15.40 -5.25
N ASP B 149 23.90 -14.18 -4.97
CA ASP B 149 25.05 -13.94 -4.10
C ASP B 149 26.27 -14.74 -4.58
N GLY B 150 26.52 -14.70 -5.89
CA GLY B 150 27.64 -15.38 -6.48
C GLY B 150 27.44 -16.85 -6.77
N LYS B 151 26.48 -17.50 -6.13
CA LYS B 151 26.19 -18.90 -6.39
C LYS B 151 25.25 -19.01 -7.59
N LEU B 152 25.62 -19.87 -8.54
CA LEU B 152 24.75 -20.16 -9.68
C LEU B 152 23.61 -21.07 -9.22
N VAL B 153 22.39 -20.61 -9.41
CA VAL B 153 21.21 -21.34 -8.96
C VAL B 153 20.53 -22.07 -10.11
N ARG B 154 20.51 -21.47 -11.29
CA ARG B 154 19.84 -22.08 -12.44
C ARG B 154 20.43 -21.53 -13.74
N ASN B 155 20.80 -22.44 -14.63
CA ASN B 155 21.25 -22.13 -15.98
C ASN B 155 20.13 -22.51 -16.95
N SER B 156 19.48 -21.51 -17.54
CA SER B 156 18.37 -21.76 -18.45
C SER B 156 18.80 -22.55 -19.69
N GLY B 157 20.08 -22.54 -20.02
CA GLY B 157 20.54 -23.16 -21.25
C GLY B 157 20.57 -22.23 -22.43
N GLY B 158 20.73 -20.92 -22.20
CA GLY B 158 20.77 -19.96 -23.28
C GLY B 158 19.41 -19.47 -23.72
N ILE B 159 18.37 -19.67 -22.92
CA ILE B 159 17.05 -19.17 -23.28
C ILE B 159 17.10 -17.64 -23.38
N GLN B 160 16.64 -17.12 -24.51
CA GLN B 160 16.80 -15.70 -24.82
C GLN B 160 15.63 -14.92 -24.26
N ASN B 161 15.75 -14.52 -23.00
CA ASN B 161 14.86 -13.57 -22.36
C ASN B 161 15.68 -12.40 -21.83
N ALA B 162 15.01 -11.27 -21.61
CA ALA B 162 15.69 -10.11 -21.07
C ALA B 162 16.36 -10.47 -19.74
N GLN B 163 17.61 -10.03 -19.58
CA GLN B 163 18.42 -10.35 -18.42
C GLN B 163 18.80 -9.08 -17.66
N PHE B 164 18.98 -9.24 -16.34
CA PHE B 164 19.59 -8.21 -15.52
C PHE B 164 20.59 -8.88 -14.58
N GLY B 165 21.82 -8.36 -14.56
CA GLY B 165 22.84 -8.93 -13.71
C GLY B 165 23.81 -7.89 -13.21
N ILE B 166 24.48 -8.25 -12.11
CA ILE B 166 25.55 -7.45 -11.52
C ILE B 166 26.82 -8.28 -11.52
N ARG B 167 27.92 -7.69 -11.97
CA ARG B 167 29.20 -8.37 -12.00
C ARG B 167 30.03 -8.02 -10.76
N LYS B 168 31.09 -8.79 -10.55
CA LYS B 168 31.89 -8.63 -9.34
C LYS B 168 32.43 -7.21 -9.21
N ASP B 169 32.79 -6.58 -10.32
CA ASP B 169 33.38 -5.25 -10.31
C ASP B 169 32.35 -4.15 -10.35
N GLY B 170 31.08 -4.45 -10.14
CA GLY B 170 30.04 -3.46 -10.09
C GLY B 170 29.33 -3.19 -11.40
N THR B 171 29.76 -3.82 -12.49
CA THR B 171 29.13 -3.59 -13.78
C THR B 171 27.68 -4.07 -13.75
N LEU B 172 26.76 -3.16 -14.09
CA LEU B 172 25.37 -3.52 -14.30
C LEU B 172 25.18 -3.98 -15.74
N VAL B 173 24.39 -5.03 -15.92
CA VAL B 173 24.21 -5.65 -17.23
C VAL B 173 22.72 -5.78 -17.52
N PHE B 174 22.31 -5.31 -18.68
CA PHE B 174 20.92 -5.42 -19.13
C PHE B 174 20.91 -5.89 -20.58
N GLY B 175 19.99 -6.79 -20.88
CA GLY B 175 19.80 -7.23 -22.24
C GLY B 175 19.81 -8.73 -22.42
N TYR B 176 20.25 -9.17 -23.60
CA TYR B 176 20.24 -10.58 -23.96
C TYR B 176 21.66 -11.14 -23.83
N LEU B 177 21.77 -12.28 -23.15
CA LEU B 177 23.05 -12.90 -22.85
C LEU B 177 23.05 -14.34 -23.33
N SER B 178 24.17 -14.76 -23.91
CA SER B 178 24.36 -16.14 -24.30
C SER B 178 24.68 -16.99 -23.07
N GLU B 179 24.62 -18.31 -23.24
CA GLU B 179 24.95 -19.20 -22.13
C GLU B 179 26.39 -18.99 -21.69
N ASP B 180 27.31 -18.78 -22.64
CA ASP B 180 28.70 -18.54 -22.26
C ASP B 180 28.86 -17.20 -21.54
N ASP B 181 28.03 -16.21 -21.88
CA ASP B 181 28.13 -14.93 -21.20
C ASP B 181 27.99 -15.08 -19.70
N ILE B 182 27.03 -15.89 -19.24
CA ILE B 182 26.77 -15.99 -17.81
C ILE B 182 27.75 -16.91 -17.10
N LEU B 183 28.39 -17.83 -17.82
CA LEU B 183 29.36 -18.73 -17.23
C LEU B 183 30.76 -18.14 -17.16
N ASP B 184 30.95 -16.90 -17.63
CA ASP B 184 32.27 -16.29 -17.63
C ASP B 184 32.84 -16.20 -16.22
N GLN B 185 34.13 -16.53 -16.09
CA GLN B 185 34.82 -16.46 -14.82
C GLN B 185 35.77 -15.28 -14.72
N GLU B 186 36.05 -14.60 -15.83
CA GLU B 186 36.98 -13.47 -15.80
C GLU B 186 36.46 -12.37 -14.87
N ASN B 187 35.20 -11.99 -15.04
CA ASN B 187 34.54 -11.00 -14.17
C ASN B 187 33.15 -11.53 -13.89
N PRO B 188 33.02 -12.47 -12.95
CA PRO B 188 31.80 -13.27 -12.86
C PRO B 188 30.61 -12.47 -12.38
N PHE B 189 29.43 -12.87 -12.85
CA PHE B 189 28.19 -12.37 -12.30
C PHE B 189 28.06 -12.76 -10.83
N VAL B 190 27.65 -11.80 -10.01
CA VAL B 190 27.32 -12.07 -8.62
C VAL B 190 25.81 -12.09 -8.37
N GLN B 191 25.04 -11.38 -9.19
CA GLN B 191 23.59 -11.43 -9.18
C GLN B 191 23.10 -11.57 -10.62
N LEU B 192 22.09 -12.40 -10.83
CA LEU B 192 21.51 -12.54 -12.16
C LEU B 192 20.06 -12.99 -12.04
N ILE B 193 19.20 -12.39 -12.86
CA ILE B 193 17.79 -12.72 -12.88
C ILE B 193 17.26 -12.43 -14.27
N SER B 194 16.20 -13.15 -14.66
CA SER B 194 15.62 -13.05 -15.99
C SER B 194 14.21 -12.51 -15.90
N GLY B 195 13.84 -11.70 -16.88
CA GLY B 195 12.48 -11.21 -17.01
C GLY B 195 11.91 -11.55 -18.37
N VAL B 196 10.94 -10.76 -18.85
CA VAL B 196 10.35 -10.95 -20.16
C VAL B 196 10.06 -9.57 -20.73
N VAL B 197 10.76 -9.22 -21.82
CA VAL B 197 10.63 -7.97 -22.55
C VAL B 197 11.67 -6.97 -22.05
N TRP B 198 12.48 -6.46 -22.97
CA TRP B 198 13.47 -5.42 -22.69
C TRP B 198 12.78 -4.08 -22.92
N LEU B 199 12.49 -3.37 -21.83
CA LEU B 199 11.65 -2.17 -21.92
C LEU B 199 12.39 -1.01 -22.56
N LEU B 200 13.55 -0.65 -22.01
CA LEU B 200 14.32 0.49 -22.49
C LEU B 200 15.74 0.04 -22.80
N ARG B 201 16.25 0.47 -23.96
CA ARG B 201 17.65 0.29 -24.31
C ARG B 201 18.21 1.64 -24.72
N LYS B 202 19.27 2.07 -24.02
CA LYS B 202 19.88 3.37 -24.31
C LYS B 202 18.86 4.50 -24.22
N GLY B 203 17.99 4.43 -23.23
CA GLY B 203 17.00 5.47 -23.03
C GLY B 203 15.91 5.50 -24.08
N GLU B 204 15.76 4.45 -24.88
CA GLU B 204 14.74 4.39 -25.91
C GLU B 204 13.93 3.12 -25.75
N ILE B 205 12.64 3.20 -26.14
CA ILE B 205 11.75 2.06 -26.01
C ILE B 205 12.19 0.95 -26.95
N TYR B 206 12.19 -0.28 -26.44
CA TYR B 206 12.79 -1.42 -27.13
C TYR B 206 11.80 -2.59 -27.20
N ILE B 207 10.51 -2.33 -27.00
CA ILE B 207 9.54 -3.40 -26.87
C ILE B 207 9.40 -4.17 -28.18
N ASN B 208 9.31 -3.45 -29.30
CA ASN B 208 9.20 -4.13 -30.58
C ASN B 208 10.38 -5.08 -30.81
N GLU B 209 11.59 -4.62 -30.50
CA GLU B 209 12.75 -5.50 -30.64
C GLU B 209 12.63 -6.70 -29.72
N SER B 210 12.15 -6.48 -28.49
CA SER B 210 11.98 -7.58 -27.56
C SER B 210 10.98 -8.60 -28.09
N ILE B 211 9.88 -8.12 -28.68
CA ILE B 211 8.87 -9.04 -29.21
C ILE B 211 9.47 -9.95 -30.27
N GLN B 212 10.38 -9.40 -31.10
CA GLN B 212 11.00 -10.21 -32.13
C GLN B 212 12.02 -11.18 -31.55
N ALA B 213 12.67 -10.80 -30.44
CA ALA B 213 13.74 -11.61 -29.87
C ALA B 213 13.24 -12.64 -28.86
N GLU B 214 12.22 -12.30 -28.09
CA GLU B 214 11.76 -13.14 -26.98
C GLU B 214 10.51 -13.94 -27.32
N CYS B 215 10.09 -13.91 -28.59
CA CYS B 215 9.00 -14.71 -29.09
C CYS B 215 9.42 -15.20 -30.47
N ASP B 216 9.14 -16.46 -30.77
CA ASP B 216 9.68 -17.07 -31.98
C ASP B 216 8.55 -17.48 -32.93
N LYS B 217 8.97 -18.06 -34.06
CA LYS B 217 8.04 -18.38 -35.14
C LYS B 217 7.02 -19.42 -34.70
N THR B 218 7.45 -20.38 -33.88
CA THR B 218 6.59 -21.47 -33.46
C THR B 218 5.59 -21.07 -32.38
N GLN B 219 5.69 -19.87 -31.85
CA GLN B 219 4.76 -19.39 -30.82
C GLN B 219 3.77 -18.41 -31.43
N GLU B 220 2.62 -18.29 -30.78
CA GLU B 220 1.59 -17.35 -31.20
C GLU B 220 1.98 -15.95 -30.73
N THR B 221 2.42 -15.11 -31.66
CA THR B 221 2.84 -13.76 -31.30
C THR B 221 1.67 -12.94 -30.78
N GLY B 222 0.44 -13.27 -31.19
CA GLY B 222 -0.72 -12.54 -30.69
C GLY B 222 -0.81 -12.57 -29.18
N ASN B 223 -0.80 -13.77 -28.59
CA ASN B 223 -0.88 -13.87 -27.13
C ASN B 223 0.25 -13.08 -26.47
N PHE B 224 1.43 -13.08 -27.08
CA PHE B 224 2.55 -12.34 -26.50
C PHE B 224 2.34 -10.85 -26.62
N ARG B 225 1.90 -10.38 -27.80
CA ARG B 225 1.62 -8.95 -27.95
C ARG B 225 0.51 -8.51 -27.00
N HIS B 226 -0.47 -9.37 -26.77
CA HIS B 226 -1.50 -9.06 -25.78
C HIS B 226 -0.87 -8.91 -24.40
N PHE B 227 0.04 -9.80 -24.04
CA PHE B 227 0.78 -9.65 -22.79
C PHE B 227 1.47 -8.30 -22.72
N VAL B 228 1.88 -7.76 -23.87
CA VAL B 228 2.54 -6.46 -23.90
C VAL B 228 1.52 -5.33 -23.83
N ASP B 229 0.39 -5.45 -24.53
CA ASP B 229 -0.54 -4.35 -24.67
C ASP B 229 -1.52 -4.23 -23.51
N VAL B 230 -1.87 -5.35 -22.86
CA VAL B 230 -2.86 -5.31 -21.80
C VAL B 230 -2.29 -4.57 -20.60
N ILE B 231 -3.18 -3.94 -19.83
CA ILE B 231 -2.80 -3.28 -18.59
C ILE B 231 -2.85 -4.31 -17.48
N SER B 232 -1.98 -4.15 -16.50
CA SER B 232 -1.94 -5.05 -15.34
C SER B 232 -0.98 -4.47 -14.32
N ALA B 233 -0.82 -5.18 -13.22
CA ALA B 233 0.27 -4.88 -12.30
C ALA B 233 1.59 -5.24 -12.96
N ARG B 234 2.60 -4.41 -12.76
CA ARG B 234 3.89 -4.59 -13.41
C ARG B 234 5.02 -4.27 -12.44
N THR B 235 6.14 -4.94 -12.63
CA THR B 235 7.39 -4.60 -11.96
C THR B 235 8.49 -4.55 -12.99
N ALA B 236 9.51 -3.73 -12.70
CA ALA B 236 10.64 -3.60 -13.61
C ALA B 236 11.87 -3.20 -12.80
N VAL B 237 13.04 -3.41 -13.40
CA VAL B 237 14.31 -3.02 -12.81
C VAL B 237 15.15 -2.38 -13.90
N GLY B 238 15.84 -1.30 -13.55
CA GLY B 238 16.67 -0.59 -14.50
C GLY B 238 17.70 0.25 -13.77
N HIS B 239 18.31 1.15 -14.54
CA HIS B 239 19.34 2.04 -14.01
C HIS B 239 19.22 3.39 -14.70
N ASP B 240 19.83 4.40 -14.08
CA ASP B 240 19.77 5.77 -14.58
C ASP B 240 21.16 6.24 -15.02
N LYS B 241 21.22 7.50 -15.43
CA LYS B 241 22.45 8.06 -15.95
C LYS B 241 23.56 8.04 -14.92
N GLU B 242 23.23 8.24 -13.65
CA GLU B 242 24.21 8.23 -12.57
C GLU B 242 24.72 6.83 -12.23
N GLY B 243 24.12 5.79 -12.79
CA GLY B 243 24.47 4.43 -12.43
C GLY B 243 23.71 3.87 -11.25
N LYS B 244 22.71 4.60 -10.73
CA LYS B 244 21.88 4.08 -9.67
C LYS B 244 20.91 3.04 -10.22
N LEU B 245 20.57 2.06 -9.39
CA LEU B 245 19.61 1.04 -9.77
C LEU B 245 18.19 1.52 -9.44
N ILE B 246 17.27 1.30 -10.38
CA ILE B 246 15.90 1.75 -10.26
C ILE B 246 15.00 0.53 -10.19
N LEU B 247 14.24 0.42 -9.10
CA LEU B 247 13.23 -0.62 -8.93
C LEU B 247 11.86 0.01 -9.12
N PHE B 248 11.09 -0.54 -10.06
CA PHE B 248 9.78 -0.02 -10.39
C PHE B 248 8.70 -1.03 -10.04
N HIS B 249 7.58 -0.54 -9.52
CA HIS B 249 6.44 -1.37 -9.19
C HIS B 249 5.17 -0.54 -9.33
N VAL B 250 4.16 -1.10 -9.97
CA VAL B 250 2.86 -0.46 -10.11
C VAL B 250 1.78 -1.51 -9.87
N ASP B 251 0.84 -1.20 -8.99
CA ASP B 251 -0.27 -2.11 -8.74
C ASP B 251 -1.24 -2.11 -9.90
N GLY B 252 -1.97 -3.21 -10.03
CA GLY B 252 -2.94 -3.32 -11.11
C GLY B 252 -3.59 -4.69 -11.11
N GLN B 253 -4.41 -4.91 -12.13
CA GLN B 253 -5.08 -6.19 -12.32
C GLN B 253 -5.35 -6.36 -13.80
N THR B 254 -4.96 -7.51 -14.34
CA THR B 254 -4.93 -7.70 -15.78
C THR B 254 -6.23 -7.29 -16.43
N ASP B 255 -6.13 -6.32 -17.36
CA ASP B 255 -7.25 -5.83 -18.16
C ASP B 255 -8.24 -5.00 -17.36
N VAL B 256 -7.83 -4.46 -16.21
CA VAL B 256 -8.74 -3.66 -15.39
C VAL B 256 -8.03 -2.43 -14.84
N ARG B 257 -6.82 -2.65 -14.29
CA ARG B 257 -6.06 -1.59 -13.64
C ARG B 257 -4.58 -1.77 -13.95
N GLY B 258 -3.83 -0.71 -13.72
CA GLY B 258 -2.39 -0.74 -13.90
C GLY B 258 -1.95 -0.22 -15.25
N MET B 259 -0.82 -0.73 -15.75
CA MET B 259 -0.20 -0.23 -16.96
C MET B 259 0.12 -1.38 -17.89
N ASN B 260 0.28 -1.05 -19.17
CA ASN B 260 0.91 -1.95 -20.12
C ASN B 260 2.37 -1.56 -20.27
N LEU B 261 3.11 -2.38 -21.03
CA LEU B 261 4.56 -2.19 -21.10
C LEU B 261 4.93 -0.90 -21.83
N TRP B 262 4.15 -0.50 -22.84
CA TRP B 262 4.40 0.78 -23.48
C TRP B 262 4.34 1.91 -22.47
N GLN B 263 3.38 1.85 -21.55
CA GLN B 263 3.23 2.92 -20.57
C GLN B 263 4.34 2.88 -19.52
N VAL B 264 4.74 1.67 -19.10
CA VAL B 264 5.86 1.56 -18.18
C VAL B 264 7.12 2.16 -18.81
N ALA B 265 7.39 1.80 -20.06
CA ALA B 265 8.59 2.29 -20.72
C ALA B 265 8.61 3.81 -20.79
N LYS B 266 7.50 4.41 -21.23
CA LYS B 266 7.44 5.87 -21.28
C LYS B 266 7.56 6.47 -19.88
N PHE B 267 6.90 5.84 -18.90
CA PHE B 267 6.99 6.32 -17.52
C PHE B 267 8.42 6.33 -17.03
N LEU B 268 9.14 5.22 -17.25
CA LEU B 268 10.53 5.15 -16.81
C LEU B 268 11.43 6.05 -17.64
N LYS B 269 11.16 6.14 -18.95
CA LYS B 269 11.97 7.01 -19.81
C LYS B 269 11.93 8.45 -19.30
N ASP B 270 10.79 8.89 -18.77
CA ASP B 270 10.68 10.23 -18.22
C ASP B 270 11.24 10.34 -16.81
N GLN B 271 11.79 9.24 -16.28
CA GLN B 271 12.53 9.26 -15.03
C GLN B 271 14.02 9.05 -15.26
N ASN B 272 14.49 9.35 -16.47
CA ASN B 272 15.89 9.22 -16.84
C ASN B 272 16.41 7.79 -16.68
N VAL B 273 15.53 6.81 -16.85
CA VAL B 273 15.97 5.42 -16.92
C VAL B 273 16.50 5.15 -18.32
N MET B 274 17.67 4.55 -18.40
CA MET B 274 18.35 4.29 -19.66
C MET B 274 18.18 2.86 -20.14
N ASN B 275 18.20 1.90 -19.21
CA ASN B 275 17.95 0.50 -19.53
C ASN B 275 17.09 -0.10 -18.43
N ALA B 276 16.13 -0.92 -18.82
CA ALA B 276 15.25 -1.57 -17.86
C ALA B 276 14.60 -2.77 -18.54
N ILE B 277 14.33 -3.80 -17.74
CA ILE B 277 13.63 -4.98 -18.22
C ILE B 277 12.38 -5.18 -17.36
N ASN B 278 11.40 -5.85 -17.93
CA ASN B 278 10.13 -6.13 -17.26
C ASN B 278 10.21 -7.47 -16.55
N LEU B 279 9.89 -7.48 -15.26
CA LEU B 279 9.89 -8.70 -14.48
C LEU B 279 8.46 -9.21 -14.31
N ASP B 280 8.28 -10.18 -13.43
CA ASP B 280 6.97 -10.82 -13.27
C ASP B 280 5.95 -9.81 -12.76
N GLY B 281 4.71 -9.93 -13.23
CA GLY B 281 3.66 -9.00 -12.88
C GLY B 281 2.33 -9.66 -12.60
N GLY B 282 1.24 -8.96 -12.87
CA GLY B 282 -0.06 -9.49 -12.52
C GLY B 282 -0.16 -9.70 -11.02
N GLY B 283 -0.72 -10.84 -10.63
CA GLY B 283 -0.86 -11.16 -9.22
C GLY B 283 0.45 -11.36 -8.48
N SER B 284 1.57 -11.50 -9.21
CA SER B 284 2.85 -11.67 -8.55
C SER B 284 3.45 -10.36 -8.06
N ALA B 285 3.06 -9.23 -8.64
CA ALA B 285 3.65 -7.95 -8.28
C ALA B 285 3.46 -7.67 -6.79
N THR B 286 4.56 -7.51 -6.07
CA THR B 286 4.53 -7.25 -4.64
C THR B 286 5.62 -6.26 -4.27
N TYR B 287 5.32 -5.37 -3.33
CA TYR B 287 6.28 -4.40 -2.81
C TYR B 287 6.26 -4.50 -1.29
N VAL B 288 7.37 -4.96 -0.71
CA VAL B 288 7.50 -5.19 0.72
C VAL B 288 8.50 -4.21 1.29
N LEU B 289 8.07 -3.47 2.32
CA LEU B 289 8.88 -2.42 2.94
C LEU B 289 9.28 -2.89 4.33
N ASN B 290 10.54 -3.31 4.49
CA ASN B 290 11.05 -3.70 5.80
C ASN B 290 10.28 -4.91 6.34
N GLY B 291 9.95 -5.85 5.47
CA GLY B 291 9.25 -7.05 5.84
C GLY B 291 7.74 -6.93 5.89
N SER B 292 7.19 -5.75 5.66
CA SER B 292 5.75 -5.53 5.71
C SER B 292 5.23 -5.29 4.31
N LEU B 293 4.19 -6.03 3.93
CA LEU B 293 3.53 -5.80 2.66
C LEU B 293 3.03 -4.37 2.59
N ALA B 294 3.47 -3.66 1.54
CA ALA B 294 3.18 -2.23 1.42
C ALA B 294 2.56 -1.90 0.05
N SER B 295 1.87 -2.85 -0.56
CA SER B 295 1.16 -2.62 -1.80
C SER B 295 -0.16 -3.40 -1.74
N TYR B 296 -0.98 -3.23 -2.77
CA TYR B 296 -2.28 -3.89 -2.86
C TYR B 296 -2.25 -4.98 -3.92
N PRO B 297 -2.04 -6.25 -3.54
CA PRO B 297 -1.99 -7.32 -4.55
C PRO B 297 -3.35 -7.53 -5.18
N SER B 298 -3.35 -8.20 -6.33
CA SER B 298 -4.56 -8.39 -7.11
C SER B 298 -5.20 -9.76 -6.92
N ASP B 299 -4.43 -10.80 -6.61
CA ASP B 299 -5.02 -12.11 -6.39
C ASP B 299 -6.02 -12.05 -5.25
N HIS B 300 -7.14 -12.74 -5.42
CA HIS B 300 -8.07 -12.93 -4.32
C HIS B 300 -7.57 -14.02 -3.39
N CYS B 301 -8.03 -13.96 -2.16
CA CYS B 301 -7.66 -14.93 -1.13
C CYS B 301 -8.44 -16.23 -1.33
N ASN B 302 -8.00 -17.27 -0.64
CA ASN B 302 -8.71 -18.54 -0.66
C ASN B 302 -9.59 -18.58 0.57
N PRO B 303 -10.93 -18.50 0.45
CA PRO B 303 -11.78 -18.35 -0.72
C PRO B 303 -12.51 -17.00 -0.69
N SER B 304 -12.04 -16.08 0.14
CA SER B 304 -12.70 -14.80 0.30
C SER B 304 -12.46 -13.90 -0.91
N LYS B 305 -13.13 -12.74 -0.91
CA LYS B 305 -12.92 -11.71 -1.91
C LYS B 305 -11.93 -10.67 -1.42
N TRP B 306 -11.21 -10.96 -0.34
CA TRP B 306 -10.10 -10.12 0.06
C TRP B 306 -8.94 -10.36 -0.90
N ARG B 307 -7.97 -9.46 -0.85
CA ARG B 307 -6.80 -9.58 -1.69
C ARG B 307 -5.68 -10.22 -0.88
N CYS B 308 -4.92 -11.10 -1.53
CA CYS B 308 -3.84 -11.83 -0.89
C CYS B 308 -2.59 -11.71 -1.76
N PRO B 309 -1.43 -11.52 -1.15
CA PRO B 309 -0.19 -11.58 -1.93
C PRO B 309 0.09 -13.01 -2.35
N ARG B 310 0.77 -13.15 -3.48
CA ARG B 310 1.00 -14.45 -4.08
C ARG B 310 2.33 -15.03 -3.61
N ALA B 311 2.36 -16.34 -3.44
CA ALA B 311 3.60 -17.04 -3.17
C ALA B 311 4.36 -17.17 -4.49
N ILE B 312 5.53 -16.55 -4.57
CA ILE B 312 6.26 -16.42 -5.83
C ILE B 312 7.59 -17.14 -5.71
N SER B 313 8.49 -16.89 -6.66
CA SER B 313 9.77 -17.59 -6.71
C SER B 313 10.89 -16.69 -6.21
N THR B 314 11.77 -16.27 -7.11
CA THR B 314 12.89 -15.43 -6.71
C THR B 314 12.41 -14.04 -6.30
N VAL B 315 13.26 -13.35 -5.55
CA VAL B 315 12.94 -12.06 -4.97
C VAL B 315 14.11 -11.10 -5.20
N LEU B 316 13.80 -9.86 -5.55
CA LEU B 316 14.79 -8.79 -5.59
C LEU B 316 14.82 -8.12 -4.22
N CYS B 317 15.99 -8.12 -3.58
CA CYS B 317 16.14 -7.65 -2.22
C CYS B 317 17.17 -6.53 -2.20
N ILE B 318 16.84 -5.45 -1.49
CA ILE B 318 17.77 -4.37 -1.21
C ILE B 318 17.97 -4.32 0.29
N HIS B 319 19.21 -4.51 0.74
CA HIS B 319 19.52 -4.67 2.14
C HIS B 319 20.69 -3.76 2.51
N GLU B 320 20.97 -3.70 3.82
CA GLU B 320 22.09 -2.90 4.30
C GLU B 320 23.38 -3.34 3.63
N ARG B 321 24.28 -2.38 3.43
CA ARG B 321 25.57 -2.64 2.83
C ARG B 321 26.40 -3.58 3.71
C1 NAG C . -31.07 11.19 4.49
C2 NAG C . -32.29 10.38 4.05
C3 NAG C . -32.26 10.20 2.54
C4 NAG C . -32.11 11.54 1.84
C5 NAG C . -30.95 12.34 2.42
C6 NAG C . -30.88 13.75 1.88
C7 NAG C . -33.33 8.70 5.49
C8 NAG C . -33.19 7.34 6.11
N2 NAG C . -32.32 9.09 4.72
O3 NAG C . -33.47 9.57 2.12
O4 NAG C . -31.85 11.34 0.45
O5 NAG C . -31.08 12.45 3.84
O6 NAG C . -29.81 14.49 2.44
O7 NAG C . -34.32 9.40 5.69
H1 NAG C . -30.25 10.70 4.25
H2 NAG C . -33.10 10.88 4.29
H3 NAG C . -31.50 9.63 2.30
H4 NAG C . -32.94 12.04 1.97
H5 NAG C . -30.11 11.88 2.22
H61 NAG C . -31.72 14.21 2.07
H62 NAG C . -30.77 13.71 0.90
H81 NAG C . -32.32 6.97 5.89
H82 NAG C . -33.89 6.75 5.76
H83 NAG C . -33.29 7.40 7.08
HN2 NAG C . -31.62 8.53 4.61
HO3 NAG C . -33.32 9.10 1.39
C1 NAG C . -32.93 11.13 -0.37
C2 NAG C . -32.49 11.25 -1.82
C3 NAG C . -33.68 11.04 -2.76
C4 NAG C . -34.40 9.74 -2.42
C5 NAG C . -34.74 9.70 -0.93
C6 NAG C . -35.36 8.38 -0.52
C7 NAG C . -30.63 12.69 -2.53
C8 NAG C . -30.17 14.10 -2.72
N2 NAG C . -31.87 12.55 -2.06
O3 NAG C . -33.21 11.00 -4.10
O4 NAG C . -35.61 9.65 -3.18
O5 NAG C . -33.55 9.86 -0.16
O6 NAG C . -36.27 8.55 0.57
O7 NAG C . -29.91 11.73 -2.78
H1 NAG C . -33.57 11.83 -0.15
H2 NAG C . -31.84 10.54 -2.01
H3 NAG C . -34.31 11.78 -2.65
H4 NAG C . -33.82 8.99 -2.65
H5 NAG C . -35.37 10.40 -0.72
H61 NAG C . -34.64 7.77 -0.23
H62 NAG C . -35.83 7.99 -1.28
H81 NAG C . -30.87 14.72 -2.44
H82 NAG C . -29.96 14.25 -3.66
H83 NAG C . -29.37 14.26 -2.19
HN2 NAG C . -32.36 13.29 -1.89
HO3 NAG C . -32.45 11.47 -4.16
HO6 NAG C . -36.20 7.85 1.12
C1 BMA C . -35.59 9.60 -4.54
C2 BMA C . -36.88 8.93 -5.03
C3 BMA C . -36.91 8.89 -6.56
C4 BMA C . -36.50 10.24 -7.20
C5 BMA C . -35.19 10.74 -6.58
C6 BMA C . -34.78 12.10 -7.11
O2 BMA C . -38.02 9.68 -4.59
O3 BMA C . -38.20 8.50 -7.05
O4 BMA C . -36.32 10.09 -8.60
O5 BMA C . -35.38 10.84 -5.17
O6 BMA C . -33.37 12.22 -6.98
H1 BMA C . -34.73 8.93 -4.73
H2 BMA C . -36.93 7.90 -4.63
H3 BMA C . -36.20 8.14 -6.92
H4 BMA C . -37.29 10.97 -6.95
H5 BMA C . -34.38 10.03 -6.81
H61 BMA C . -35.31 12.88 -6.53
H62 BMA C . -35.10 12.18 -8.17
HO2 BMA C . -38.61 9.72 -5.35
HO4 BMA C . -37.18 10.30 -8.99
C1 MAN C . -38.26 7.72 -8.18
C2 MAN C . -39.70 7.78 -8.69
C3 MAN C . -40.60 7.04 -7.72
C4 MAN C . -40.09 5.60 -7.54
C5 MAN C . -38.62 5.61 -7.06
C6 MAN C . -38.00 4.23 -7.01
O2 MAN C . -39.82 7.09 -9.94
O3 MAN C . -41.95 7.04 -8.14
O4 MAN C . -40.88 4.92 -6.59
O5 MAN C . -37.82 6.39 -7.98
O6 MAN C . -36.83 4.23 -7.83
H1 MAN C . -37.57 8.13 -8.93
H2 MAN C . -40.03 8.82 -8.79
H3 MAN C . -40.59 7.53 -6.74
H4 MAN C . -40.11 5.09 -8.52
H5 MAN C . -38.59 6.06 -6.06
H61 MAN C . -38.74 3.49 -7.37
H62 MAN C . -37.76 3.99 -5.96
HO2 MAN C . -40.70 7.26 -10.31
HO3 MAN C . -42.38 6.32 -7.65
HO4 MAN C . -40.88 4.00 -6.86
HO6 MAN C . -36.67 5.15 -8.11
C1 MAN C . -32.73 12.54 -8.16
C2 MAN C . -31.22 12.51 -7.90
C3 MAN C . -30.86 13.63 -6.92
C4 MAN C . -31.41 14.98 -7.41
C5 MAN C . -32.92 14.88 -7.69
C6 MAN C . -33.49 16.14 -8.34
O2 MAN C . -30.50 12.78 -9.10
O3 MAN C . -29.45 13.71 -6.74
O4 MAN C . -31.19 15.97 -6.41
O5 MAN C . -33.17 13.80 -8.60
O6 MAN C . -33.76 17.10 -7.32
H1 MAN C . -32.99 11.85 -8.98
H2 MAN C . -30.94 11.54 -7.48
H3 MAN C . -31.29 13.42 -5.95
H4 MAN C . -30.92 15.24 -8.36
H5 MAN C . -33.44 14.71 -6.75
H61 MAN C . -34.42 15.87 -8.88
H62 MAN C . -32.77 16.53 -9.06
HO2 MAN C . -29.71 13.29 -8.89
HO3 MAN C . -29.31 14.50 -6.18
HO4 MAN C . -31.62 16.78 -6.74
HO6 MAN C . -33.96 16.62 -6.50
C1 FUC C . -29.30 15.50 1.68
C2 FUC C . -28.29 16.41 2.40
C3 FUC C . -26.94 15.70 2.56
C4 FUC C . -26.47 15.16 1.20
C5 FUC C . -27.54 14.22 0.64
C6 FUC C . -27.17 13.66 -0.73
O2 FUC C . -28.76 16.86 3.66
O3 FUC C . -25.94 16.61 3.02
O4 FUC C . -26.26 16.23 0.31
O5 FUC C . -28.78 14.93 0.50
H1 FUC C . -30.17 16.09 1.34
H2 FUC C . -28.13 17.30 1.77
H3 FUC C . -27.05 14.86 3.27
H4 FUC C . -25.54 14.58 1.35
H5 FUC C . -27.67 13.39 1.34
H61 FUC C . -27.15 14.47 -1.47
H62 FUC C . -27.92 12.92 -1.03
H63 FUC C . -26.19 13.18 -0.68
HO2 FUC C . -29.25 16.11 4.04
HO3 FUC C . -26.06 16.67 3.97
HO4 FUC C . -25.29 16.27 0.18
C1 NAG D . 5.11 -7.75 13.03
C2 NAG D . 5.22 -9.05 12.23
C3 NAG D . 5.38 -10.23 13.17
C4 NAG D . 6.53 -9.98 14.13
C5 NAG D . 6.37 -8.63 14.83
C6 NAG D . 7.53 -8.28 15.72
C7 NAG D . 3.99 -8.77 10.11
C8 NAG D . 2.71 -9.04 9.38
N2 NAG D . 4.05 -9.23 11.37
O3 NAG D . 5.62 -11.41 12.41
O4 NAG D . 6.56 -11.01 15.12
O5 NAG D . 6.26 -7.60 13.85
O6 NAG D . 7.09 -7.80 16.98
O7 NAG D . 4.92 -8.17 9.60
H1 NAG D . 4.30 -7.80 13.61
H2 NAG D . 6.00 -8.99 11.66
H3 NAG D . 4.56 -10.36 13.68
H4 NAG D . 7.37 -9.99 13.63
H5 NAG D . 5.55 -8.66 15.37
H61 NAG D . 8.06 -7.58 15.29
H62 NAG D . 8.09 -9.07 15.85
H81 NAG D . 1.97 -8.66 9.88
H82 NAG D . 2.58 -10.00 9.29
H83 NAG D . 2.75 -8.64 8.50
HN2 NAG D . 3.32 -9.67 11.71
HO3 NAG D . 5.52 -12.13 12.92
HO4 NAG D . 6.65 -11.81 14.72
HO6 NAG D . 7.27 -6.93 17.06
I IOD E . -12.48 20.78 20.69
I IOD F . -25.39 19.34 28.71
I IOD G . -29.36 7.05 4.14
I IOD H . -23.47 8.21 -3.10
I IOD I . -2.99 15.26 -8.39
I IOD J . -26.43 24.38 3.01
I IOD K . -21.37 1.90 -2.63
I IOD L . -28.54 21.16 7.30
I IOD M . -27.83 31.09 9.49
I IOD N . 8.77 -1.35 15.92
I IOD O . -4.44 19.49 24.93
I IOD P . -27.66 0.93 2.30
I IOD Q . -10.98 -17.91 20.99
I IOD R . -14.19 31.32 16.03
I IOD S . -20.35 -1.37 -0.98
I IOD T . -18.84 3.67 -15.43
I IOD U . -13.41 -4.36 35.98
I IOD V . 6.08 -1.19 24.59
I IOD W . -19.82 -10.94 13.40
I IOD X . 10.63 13.69 -0.77
I IOD Y . -19.56 17.21 -3.89
I IOD Z . -0.09 -11.35 21.90
I1 I2I AA . 0.51 -8.97 12.64
I2 I2I AA . -0.66 -10.57 14.48
I1 I2I BA . -15.50 -5.99 -5.92
I2 I2I BA . -14.72 -6.77 -3.45
I1 I2I CA . -9.18 5.20 -8.91
I2 I2I CA . -11.13 6.69 -10.07
I1 I2I DA . -38.59 6.85 25.17
I2 I2I DA . -39.95 9.12 25.73
I1 I2I EA . -6.95 2.54 34.90
I2 I2I EA . -6.90 0.09 33.75
I1 I2I FA . 9.97 15.61 -8.84
I2 I2I FA . 8.56 17.71 -9.81
I1 I2I GA . -21.64 3.83 29.11
I2 I2I GA . -21.72 1.33 30.14
I1 I2I HA . -31.65 -2.69 20.49
I2 I2I HA . -33.96 -1.45 19.78
O1 P6G IA . -22.87 36.29 21.28
C2 P6G IA . -21.58 35.75 21.18
C3 P6G IA . -21.63 34.47 20.34
O4 P6G IA . -22.85 33.81 20.58
C5 P6G IA . -22.72 32.53 21.12
C6 P6G IA . -22.23 31.57 20.04
O7 P6G IA . -21.02 30.98 20.40
C8 P6G IA . -20.39 30.28 19.37
C9 P6G IA . -19.67 31.25 18.44
O10 P6G IA . -19.25 30.57 17.28
C11 P6G IA . -18.07 29.83 17.43
C12 P6G IA . -17.95 28.85 16.26
O13 P6G IA . -17.31 27.69 16.70
C14 P6G IA . -18.14 26.76 17.34
C15 P6G IA . -17.28 25.85 18.21
O16 P6G IA . -17.97 25.47 19.37
C17 P6G IA . -17.58 26.11 20.56
C18 P6G IA . -18.55 27.24 20.88
O19 P6G IA . -17.85 28.41 21.17
H1 P6G IA . -22.84 37.01 21.73
H21 P6G IA . -21.00 36.39 20.75
H22 P6G IA . -21.25 35.54 22.07
H31 P6G IA . -21.57 34.70 19.40
H32 P6G IA . -20.90 33.90 20.58
H51 P6G IA . -22.07 32.55 21.85
H52 P6G IA . -23.57 32.23 21.47
H61 P6G IA . -22.90 30.87 19.91
H62 P6G IA . -22.12 32.05 19.21
H81 P6G IA . -19.75 29.65 19.75
H82 P6G IA . -21.06 29.79 18.86
H91 P6G IA . -20.26 31.97 18.20
H92 P6G IA . -18.88 31.61 18.89
H111 P6G IA . -17.31 30.43 17.43
H112 P6G IA . -18.10 29.34 18.27
H121 P6G IA . -18.84 28.63 15.95
H122 P6G IA . -17.44 29.26 15.56
H141 P6G IA . -18.78 27.22 17.90
H142 P6G IA . -18.60 26.23 16.68
H151 P6G IA . -17.05 25.05 17.70
H152 P6G IA . -16.46 26.31 18.47
H171 P6G IA . -17.58 25.47 21.29
H172 P6G IA . -16.69 26.47 20.45
H181 P6G IA . -19.14 27.40 20.12
H182 P6G IA . -19.09 26.99 21.65
H19 P6G IA . -17.50 28.36 21.94
C1 NAG JA . 6.26 -0.97 -32.87
C2 NAG JA . 6.34 0.46 -33.41
C3 NAG JA . 5.09 0.79 -34.22
C4 NAG JA . 3.87 0.02 -33.71
C5 NAG JA . 4.11 -1.49 -33.70
C6 NAG JA . 3.46 -2.21 -34.85
C7 NAG JA . 7.66 1.60 -31.69
C8 NAG JA . 7.66 2.61 -30.57
N2 NAG JA . 6.50 1.41 -32.31
O3 NAG JA . 5.32 0.47 -35.58
O4 NAG JA . 3.54 0.46 -32.40
O5 NAG JA . 5.51 -1.76 -33.77
O6 NAG JA . 3.92 -3.55 -34.95
O7 NAG JA . 8.69 1.00 -32.00
H1 NAG JA . 5.83 -0.97 -32.00
H2 NAG JA . 7.10 0.52 -34.00
H3 NAG JA . 4.91 1.75 -34.11
H4 NAG JA . 3.13 0.20 -34.33
H5 NAG JA . 3.77 -1.84 -32.85
H61 NAG JA . 3.66 -1.74 -35.68
H62 NAG JA . 2.49 -2.22 -34.71
H81 NAG JA . 6.97 2.37 -29.92
H82 NAG JA . 7.47 3.49 -30.94
H83 NAG JA . 8.52 2.61 -30.13
HN2 NAG JA . 5.78 1.89 -32.04
HO3 NAG JA . 6.18 0.53 -35.77
HO4 NAG JA . 2.81 0.02 -32.12
HO6 NAG JA . 3.75 -3.87 -35.77
C1 NAG KA . 12.34 -3.33 10.25
C2 NAG KA . 12.78 -2.03 10.94
C3 NAG KA . 13.31 -2.31 12.35
C4 NAG KA . 12.32 -3.13 13.16
C5 NAG KA . 11.99 -4.41 12.40
C6 NAG KA . 10.97 -5.27 13.10
C7 NAG KA . 13.83 -0.01 10.00
C8 NAG KA . 14.96 0.51 9.15
N2 NAG KA . 13.79 -1.34 10.15
O3 NAG KA . 13.56 -1.07 13.01
O4 NAG KA . 12.86 -3.44 14.43
O5 NAG KA . 11.45 -4.06 11.12
O6 NAG KA . 9.66 -5.07 12.58
O7 NAG KA . 13.00 0.73 10.53
H1 NAG KA . 13.13 -3.87 10.07
H2 NAG KA . 11.99 -1.45 11.02
H3 NAG KA . 14.14 -2.80 12.27
H4 NAG KA . 11.50 -2.61 13.29
H5 NAG KA . 12.81 -4.93 12.28
H61 NAG KA . 10.96 -5.06 14.05
H62 NAG KA . 11.21 -6.21 12.98
H81 NAG KA . 15.76 -0.01 9.31
H82 NAG KA . 15.13 1.45 9.38
H83 NAG KA . 14.71 0.45 8.21
HN2 NAG KA . 14.42 -1.84 9.73
HO3 NAG KA . 13.49 -1.18 13.89
HO4 NAG KA . 12.22 -3.40 15.05
HO6 NAG KA . 9.71 -4.89 11.71
I IOD LA . 13.55 -21.14 -18.97
I IOD MA . -0.55 2.84 -24.97
I IOD NA . 19.79 10.70 -13.13
I IOD OA . -12.40 -8.07 -9.54
I IOD PA . 16.37 -24.98 -10.72
I IOD QA . 18.03 -20.48 -34.18
I IOD RA . 17.38 -1.90 -38.68
I IOD SA . 13.15 -8.24 9.40
I IOD TA . 3.53 -19.61 -26.79
I IOD UA . 12.94 -21.86 -33.26
I IOD VA . 27.95 10.34 -2.07
I IOD WA . 31.94 -11.92 -4.45
I IOD XA . 1.09 -10.14 -33.85
I IOD YA . 28.88 -21.49 -8.16
I IOD ZA . 11.89 -4.38 -34.85
I IOD AB . 30.27 7.13 -8.04
I IOD BB . 8.22 7.99 -25.53
I IOD CB . -16.35 -13.51 0.74
I IOD DB . -11.05 9.70 -19.81
I IOD EB . -5.51 -4.87 -25.14
I IOD FB . 26.66 -19.91 -26.02
I IOD GB . 0.77 10.35 -19.84
I IOD HB . 24.20 0.67 5.52
I IOD IB . 19.14 -27.50 -0.16
I IOD JB . 36.91 -6.98 -8.60
I IOD KB . 31.34 -6.30 -19.10
I1 I2I LB . 23.92 5.67 -19.43
I2 I2I LB . 23.20 5.00 -21.94
I1 I2I MB . 2.86 12.23 -10.67
I2 I2I MB . 0.58 12.95 -11.95
I1 I2I NB . 22.01 -8.95 5.30
I2 I2I NB . 21.22 -10.84 7.07
I1 I2I OB . -9.04 2.19 -13.98
I2 I2I OB . -8.37 2.59 -11.39
I1 I2I PB . 3.93 9.01 -18.18
I2 I2I PB . 2.73 7.00 -19.56
I1 I2I QB . 16.79 3.26 4.28
I2 I2I QB . 14.38 2.16 4.86
I1 I2I RB . -9.32 -22.46 1.72
I2 I2I RB . -10.93 -22.86 -0.42
#